data_2CC2
#
_entry.id   2CC2
#
_cell.length_a   75.990
_cell.length_b   129.676
_cell.length_c   184.505
_cell.angle_alpha   90.00
_cell.angle_beta   90.00
_cell.angle_gamma   90.00
#
_symmetry.space_group_name_H-M   'C 2 2 21'
#
loop_
_entity.id
_entity.type
_entity.pdbx_description
1 polymer "5'-FLUORO-5'-DEOXYADENOSINE SYNTHASE"
2 non-polymer "5'-DEOXYADENOSINE"
3 non-polymer 'CHLORIDE ION'
4 water water
#
_entity_poly.entity_id   1
_entity_poly.type   'polypeptide(L)'
_entity_poly.pdbx_seq_one_letter_code
;MAANSTRRPIIAFMSDLGTTDDSVAQCKGLMYSICPDVTVVDVCHSMTPWDVEEGARYIVDLPRFFPEGTVFATTTYPAT
GTTTRSVAVRIKQAAKGGARGQWAGSGAGFERAEGSYIYIAPNNGLLTTVLEEHGYLEAYEVTSPKVIPEQPEPTFYSRE
MVAIPSAHLAAGFPLSEVGRPLEDHEIVRFNRPAVEQDGEALVGVVSAIDHPFGNVWTNIHRTDLEKAGIGYGARLRLTL
DGVLPFEAPLTPTFADAGEIGNIAIYLNSRGYLSIARNAASLAYPYHLKEGMSARVEAR
;
_entity_poly.pdbx_strand_id   A,B,C
#
# COMPACT_ATOMS: atom_id res chain seq x y z
N ARG A 8 -12.82 -3.75 20.73
CA ARG A 8 -12.37 -3.46 19.34
C ARG A 8 -10.85 -3.14 19.31
N PRO A 9 -10.00 -4.18 19.30
CA PRO A 9 -8.55 -3.95 19.41
C PRO A 9 -7.94 -3.52 18.07
N ILE A 10 -6.93 -2.65 18.15
CA ILE A 10 -6.19 -2.19 16.97
C ILE A 10 -4.70 -2.44 17.15
N ILE A 11 -4.06 -3.00 16.12
CA ILE A 11 -2.60 -3.04 16.01
C ILE A 11 -2.20 -2.13 14.85
N ALA A 12 -1.32 -1.16 15.14
CA ALA A 12 -0.77 -0.27 14.10
C ALA A 12 0.64 -0.71 13.79
N PHE A 13 0.89 -1.00 12.51
CA PHE A 13 1.99 -1.86 12.06
C PHE A 13 2.93 -1.09 11.14
N MET A 14 4.18 -0.95 11.59
CA MET A 14 5.21 -0.20 10.83
C MET A 14 6.42 -1.10 10.71
N SER A 15 6.81 -1.39 9.47
CA SER A 15 7.96 -2.26 9.19
C SER A 15 8.89 -1.74 8.06
N ASP A 16 9.94 -2.51 7.77
CA ASP A 16 10.78 -2.34 6.57
C ASP A 16 10.57 -3.47 5.55
N LEU A 17 9.47 -4.20 5.70
CA LEU A 17 9.23 -5.37 4.85
C LEU A 17 8.83 -5.03 3.40
N GLY A 18 8.49 -3.75 3.15
CA GLY A 18 7.96 -3.32 1.85
C GLY A 18 6.59 -3.90 1.52
N THR A 19 6.10 -3.59 0.33
CA THR A 19 4.81 -4.12 -0.14
C THR A 19 4.94 -4.82 -1.50
N THR A 20 6.11 -5.37 -1.78
CA THR A 20 6.35 -6.02 -3.07
C THR A 20 6.13 -7.54 -3.03
N ASP A 21 6.02 -8.10 -1.83
CA ASP A 21 5.73 -9.52 -1.71
C ASP A 21 4.72 -9.82 -0.57
N ASP A 22 4.62 -11.08 -0.19
CA ASP A 22 3.63 -11.53 0.80
C ASP A 22 4.11 -11.44 2.25
N SER A 23 5.24 -10.76 2.49
CA SER A 23 5.81 -10.72 3.88
C SER A 23 4.90 -10.08 4.92
N VAL A 24 4.38 -8.89 4.62
CA VAL A 24 3.44 -8.20 5.52
C VAL A 24 2.15 -9.03 5.74
N ALA A 25 1.63 -9.63 4.65
CA ALA A 25 0.39 -10.41 4.72
C ALA A 25 0.54 -11.63 5.63
N GLN A 26 1.73 -12.24 5.63
CA GLN A 26 2.04 -13.35 6.53
C GLN A 26 1.85 -12.92 7.99
N CYS A 27 2.41 -11.76 8.33
CA CYS A 27 2.29 -11.21 9.67
C CYS A 27 0.81 -10.95 10.03
N LYS A 28 0.09 -10.31 9.11
CA LYS A 28 -1.35 -10.00 9.28
C LYS A 28 -2.27 -11.23 9.43
N GLY A 29 -1.96 -12.29 8.67
CA GLY A 29 -2.66 -13.57 8.81
C GLY A 29 -2.55 -14.08 10.23
N LEU A 30 -1.32 -14.07 10.77
CA LEU A 30 -1.07 -14.47 12.17
C LEU A 30 -1.74 -13.55 13.21
N MET A 31 -1.77 -12.26 12.91
CA MET A 31 -2.44 -11.29 13.80
C MET A 31 -3.94 -11.57 13.94
N TYR A 32 -4.63 -11.76 12.80
CA TYR A 32 -6.06 -12.11 12.81
C TYR A 32 -6.32 -13.52 13.35
N SER A 33 -5.32 -14.40 13.19
CA SER A 33 -5.39 -15.75 13.76
C SER A 33 -5.44 -15.72 15.28
N ILE A 34 -4.52 -14.94 15.87
CA ILE A 34 -4.34 -14.79 17.31
C ILE A 34 -5.42 -13.92 17.99
N CYS A 35 -5.79 -12.82 17.33
CA CYS A 35 -6.77 -11.87 17.85
C CYS A 35 -7.91 -11.67 16.86
N PRO A 36 -8.88 -12.60 16.83
CA PRO A 36 -10.00 -12.63 15.87
C PRO A 36 -10.71 -11.29 15.62
N ASP A 37 -10.84 -10.45 16.65
CA ASP A 37 -11.59 -9.18 16.54
C ASP A 37 -10.75 -7.98 16.08
N VAL A 38 -9.45 -8.20 15.90
CA VAL A 38 -8.49 -7.12 15.72
C VAL A 38 -8.72 -6.34 14.41
N THR A 39 -8.28 -5.08 14.40
CA THR A 39 -8.12 -4.31 13.15
C THR A 39 -6.63 -3.96 13.02
N VAL A 40 -6.02 -4.30 11.89
CA VAL A 40 -4.61 -3.98 11.65
C VAL A 40 -4.57 -2.79 10.74
N VAL A 41 -3.96 -1.72 11.22
CA VAL A 41 -3.77 -0.53 10.42
C VAL A 41 -2.29 -0.44 10.01
N ASP A 42 -2.05 -0.33 8.69
CA ASP A 42 -0.71 -0.09 8.18
C ASP A 42 -0.26 1.34 8.49
N VAL A 43 0.86 1.47 9.18
CA VAL A 43 1.49 2.77 9.34
C VAL A 43 2.24 3.05 8.03
N CYS A 44 3.31 2.30 7.81
CA CYS A 44 4.00 2.22 6.51
C CYS A 44 5.05 1.10 6.52
N HIS A 45 5.35 0.57 5.33
CA HIS A 45 6.32 -0.52 5.20
C HIS A 45 7.46 -0.14 4.25
N SER A 46 7.62 1.19 4.04
CA SER A 46 8.50 1.77 3.02
C SER A 46 9.86 2.27 3.57
N MET A 47 10.10 2.15 4.87
CA MET A 47 11.29 2.78 5.43
C MET A 47 12.57 2.20 4.79
N THR A 48 13.64 3.01 4.75
CA THR A 48 14.97 2.51 4.37
C THR A 48 15.37 1.42 5.35
N PRO A 49 15.55 0.17 4.85
CA PRO A 49 15.96 -0.93 5.72
C PRO A 49 17.11 -0.60 6.69
N TRP A 50 16.91 -0.94 7.96
CA TRP A 50 17.98 -0.91 9.01
C TRP A 50 18.29 0.49 9.52
N ASP A 51 17.57 1.48 8.99
CA ASP A 51 17.73 2.88 9.40
C ASP A 51 16.78 3.20 10.57
N VAL A 52 17.25 2.94 11.78
CA VAL A 52 16.39 3.04 12.95
C VAL A 52 15.93 4.48 13.24
N GLU A 53 16.73 5.46 12.82
CA GLU A 53 16.37 6.87 13.03
C GLU A 53 15.17 7.30 12.16
N GLU A 54 15.11 6.79 10.93
CA GLU A 54 13.99 7.04 10.02
C GLU A 54 12.72 6.33 10.48
N GLY A 55 12.86 5.06 10.86
CA GLY A 55 11.75 4.29 11.43
C GLY A 55 11.12 5.02 12.59
N ALA A 56 11.97 5.61 13.45
CA ALA A 56 11.55 6.35 14.64
C ALA A 56 10.63 7.54 14.34
N ARG A 57 10.98 8.32 13.31
CA ARG A 57 10.15 9.46 12.87
C ARG A 57 8.73 9.03 12.43
N TYR A 58 8.59 7.82 11.90
CA TYR A 58 7.27 7.33 11.45
C TYR A 58 6.32 6.89 12.58
N ILE A 59 6.85 6.77 13.79
CA ILE A 59 6.06 6.17 14.90
C ILE A 59 5.92 7.10 16.11
N VAL A 60 6.84 8.04 16.24
CA VAL A 60 6.91 8.90 17.44
C VAL A 60 5.61 9.70 17.69
N ASP A 61 4.92 10.07 16.61
CA ASP A 61 3.79 10.99 16.70
C ASP A 61 2.42 10.32 16.63
N LEU A 62 2.37 8.99 16.75
CA LEU A 62 1.14 8.24 16.49
C LEU A 62 0.12 8.18 17.64
N PRO A 63 0.57 8.10 18.92
CA PRO A 63 -0.39 7.84 20.02
C PRO A 63 -1.66 8.70 20.00
N ARG A 64 -1.51 10.02 19.91
CA ARG A 64 -2.66 10.91 20.07
C ARG A 64 -3.76 10.73 19.01
N PHE A 65 -3.41 10.09 17.90
CA PHE A 65 -4.35 9.89 16.81
C PHE A 65 -5.22 8.66 16.97
N PHE A 66 -4.78 7.72 17.82
CA PHE A 66 -5.39 6.39 17.90
C PHE A 66 -6.22 6.16 19.16
N PRO A 67 -7.22 5.26 19.10
CA PRO A 67 -7.96 4.95 20.31
C PRO A 67 -7.06 4.43 21.42
N GLU A 68 -7.40 4.74 22.66
CA GLU A 68 -6.69 4.20 23.82
C GLU A 68 -6.75 2.66 23.78
N GLY A 69 -5.65 2.02 24.18
CA GLY A 69 -5.52 0.54 24.10
C GLY A 69 -4.83 0.03 22.85
N THR A 70 -4.56 0.91 21.89
CA THR A 70 -3.88 0.54 20.64
C THR A 70 -2.47 0.00 20.95
N VAL A 71 -2.10 -1.09 20.25
CA VAL A 71 -0.73 -1.61 20.25
C VAL A 71 -0.01 -1.16 18.96
N PHE A 72 1.21 -0.67 19.10
CA PHE A 72 2.07 -0.34 17.95
C PHE A 72 3.13 -1.40 17.75
N ALA A 73 2.99 -2.15 16.66
CA ALA A 73 4.01 -3.13 16.27
C ALA A 73 4.97 -2.50 15.26
N THR A 74 6.18 -2.16 15.72
CA THR A 74 7.14 -1.36 14.95
C THR A 74 8.47 -2.09 14.84
N THR A 75 8.94 -2.32 13.61
CA THR A 75 10.11 -3.19 13.41
C THR A 75 10.98 -2.93 12.15
N THR A 76 12.28 -2.71 12.41
CA THR A 76 13.34 -3.04 11.47
C THR A 76 14.30 -3.91 12.29
N TYR A 77 14.63 -5.09 11.77
CA TYR A 77 15.26 -6.10 12.64
C TYR A 77 16.57 -6.68 12.08
N PRO A 78 17.60 -5.80 11.88
CA PRO A 78 18.88 -6.27 11.32
C PRO A 78 19.56 -7.34 12.19
N ALA A 79 19.24 -7.41 13.48
CA ALA A 79 19.75 -8.46 14.37
C ALA A 79 18.81 -9.66 14.46
N THR A 80 18.04 -9.89 13.39
CA THR A 80 17.13 -11.04 13.33
C THR A 80 17.92 -12.35 13.46
N GLY A 81 17.32 -13.30 14.18
CA GLY A 81 17.90 -14.63 14.36
C GLY A 81 19.06 -14.71 15.32
N THR A 82 19.27 -13.65 16.10
CA THR A 82 20.31 -13.68 17.13
C THR A 82 19.66 -13.89 18.51
N THR A 83 20.48 -13.84 19.57
CA THR A 83 19.97 -14.10 20.94
C THR A 83 19.17 -12.93 21.48
N THR A 84 19.30 -11.77 20.83
CA THR A 84 18.51 -10.56 21.17
C THR A 84 17.01 -10.86 21.29
N ARG A 85 16.34 -10.10 22.16
CA ARG A 85 14.89 -10.20 22.31
C ARG A 85 14.20 -8.83 22.31
N SER A 86 12.97 -8.83 21.85
CA SER A 86 12.23 -7.59 21.69
C SER A 86 11.91 -6.98 23.03
N VAL A 87 11.60 -5.69 23.01
CA VAL A 87 11.15 -4.95 24.16
C VAL A 87 9.68 -4.53 23.96
N ALA A 88 8.85 -4.71 25.00
CA ALA A 88 7.49 -4.19 24.99
C ALA A 88 7.32 -3.15 26.12
N VAL A 89 6.84 -1.97 25.77
CA VAL A 89 6.71 -0.86 26.73
C VAL A 89 5.32 -0.22 26.73
N ARG A 90 4.80 0.07 27.92
CA ARG A 90 3.62 0.91 28.04
C ARG A 90 4.08 2.35 28.25
N ILE A 91 3.69 3.25 27.34
CA ILE A 91 4.14 4.65 27.44
C ILE A 91 3.43 5.44 28.55
N LYS A 92 3.99 6.59 28.93
CA LYS A 92 3.37 7.41 29.99
C LYS A 92 2.35 8.38 29.42
N GLN A 93 2.81 9.39 28.68
CA GLN A 93 1.94 10.44 28.13
C GLN A 93 1.72 10.28 26.63
N ALA A 94 0.48 10.46 26.19
CA ALA A 94 0.15 10.43 24.75
C ALA A 94 0.65 11.71 24.06
N ALA A 95 0.64 12.81 24.81
CA ALA A 95 1.30 14.07 24.45
C ALA A 95 0.67 14.81 23.30
N LYS A 96 0.50 16.11 23.49
CA LYS A 96 0.13 17.01 22.40
C LYS A 96 1.31 17.17 21.41
N GLY A 97 0.98 17.51 20.16
CA GLY A 97 1.98 17.71 19.11
C GLY A 97 1.56 18.71 18.07
N GLY A 98 2.16 18.61 16.89
CA GLY A 98 1.91 19.57 15.82
C GLY A 98 2.74 20.82 15.98
N ALA A 99 2.44 21.83 15.15
CA ALA A 99 3.19 23.10 15.15
C ALA A 99 2.84 23.99 16.34
N GLY A 101 1.39 22.77 19.71
CA GLY A 101 1.05 21.70 20.64
C GLY A 101 -0.43 21.63 21.01
N GLN A 102 -1.09 20.55 20.56
CA GLN A 102 -2.55 20.35 20.75
C GLN A 102 -2.95 18.85 20.73
N TRP A 103 -4.11 18.51 21.31
CA TRP A 103 -4.73 17.18 21.11
C TRP A 103 -5.36 17.14 19.71
N ALA A 104 -5.36 15.96 19.09
CA ALA A 104 -5.87 15.77 17.72
C ALA A 104 -7.38 15.52 17.69
N GLY A 105 -8.05 15.99 16.65
CA GLY A 105 -9.48 15.71 16.43
C GLY A 105 -10.36 16.93 16.26
N SER A 106 -11.65 16.68 15.98
CA SER A 106 -12.68 17.72 15.98
C SER A 106 -12.78 18.46 17.35
N GLY A 107 -13.40 19.63 17.33
CA GLY A 107 -13.54 20.45 18.53
C GLY A 107 -12.18 20.82 19.10
N ALA A 108 -12.02 20.63 20.41
CA ALA A 108 -10.74 20.90 21.07
C ALA A 108 -9.81 19.66 21.11
N GLY A 109 -10.14 18.63 20.32
CA GLY A 109 -9.32 17.41 20.23
C GLY A 109 -9.77 16.30 21.16
N PHE A 110 -9.16 15.11 21.01
CA PHE A 110 -9.46 13.98 21.88
C PHE A 110 -8.35 13.80 22.90
N GLU A 111 -8.71 13.99 24.16
CA GLU A 111 -7.75 13.90 25.25
C GLU A 111 -7.49 12.44 25.57
N ARG A 112 -6.22 12.04 25.55
CA ARG A 112 -5.87 10.65 25.79
C ARG A 112 -5.29 10.46 27.21
N ALA A 113 -5.83 9.47 27.94
CA ALA A 113 -5.40 9.17 29.31
C ALA A 113 -3.99 8.58 29.33
N GLU A 114 -3.28 8.81 30.43
CA GLU A 114 -1.92 8.26 30.60
C GLU A 114 -1.85 6.73 30.59
N GLY A 115 -0.77 6.18 30.04
CA GLY A 115 -0.51 4.73 30.02
C GLY A 115 -1.48 3.90 29.19
N SER A 116 -1.87 4.43 28.03
CA SER A 116 -2.93 3.83 27.23
C SER A 116 -2.46 3.23 25.89
N TYR A 117 -1.14 3.19 25.67
CA TYR A 117 -0.58 2.63 24.44
C TYR A 117 0.63 1.79 24.72
N ILE A 118 0.76 0.69 23.98
CA ILE A 118 1.95 -0.18 24.09
C ILE A 118 2.71 -0.23 22.75
N TYR A 119 4.04 -0.08 22.82
CA TYR A 119 4.91 -0.33 21.68
C TYR A 119 5.64 -1.65 21.88
N ILE A 120 5.73 -2.45 20.83
CA ILE A 120 6.60 -3.59 20.84
C ILE A 120 7.57 -3.53 19.63
N ALA A 121 8.86 -3.61 19.91
CA ALA A 121 9.88 -3.36 18.89
C ALA A 121 11.13 -4.14 19.17
N PRO A 122 12.06 -4.22 18.18
CA PRO A 122 13.40 -4.70 18.50
C PRO A 122 14.04 -3.82 19.57
N ASN A 123 14.92 -4.39 20.37
CA ASN A 123 15.66 -3.59 21.34
C ASN A 123 16.93 -3.10 20.68
N ASN A 124 16.77 -2.24 19.68
CA ASN A 124 17.89 -1.75 18.88
C ASN A 124 17.93 -0.21 18.77
N GLY A 125 17.19 0.46 19.65
CA GLY A 125 17.10 1.91 19.62
C GLY A 125 15.93 2.48 18.82
N LEU A 126 15.19 1.63 18.13
CA LEU A 126 14.02 2.10 17.33
C LEU A 126 13.08 3.02 18.15
N LEU A 127 12.88 2.69 19.43
CA LEU A 127 11.94 3.43 20.28
C LEU A 127 12.52 4.65 21.00
N THR A 128 13.73 5.09 20.63
CA THR A 128 14.42 6.18 21.36
C THR A 128 13.59 7.47 21.54
N THR A 129 13.01 7.97 20.44
CA THR A 129 12.28 9.22 20.48
C THR A 129 10.85 9.01 21.08
N VAL A 130 10.28 7.82 20.90
CA VAL A 130 9.01 7.46 21.59
C VAL A 130 9.19 7.61 23.13
N LEU A 131 10.27 7.07 23.65
CA LEU A 131 10.52 7.14 25.10
C LEU A 131 10.90 8.55 25.55
N GLU A 132 11.65 9.30 24.71
CA GLU A 132 12.01 10.68 25.02
C GLU A 132 10.82 11.62 25.04
N GLU A 133 9.90 11.45 24.09
CA GLU A 133 8.77 12.34 23.97
C GLU A 133 7.60 11.98 24.88
N HIS A 134 7.36 10.68 25.07
CA HIS A 134 6.18 10.19 25.81
C HIS A 134 6.45 9.67 27.24
N GLY A 135 7.69 9.28 27.52
CA GLY A 135 8.01 8.60 28.77
C GLY A 135 7.46 7.18 28.74
N TYR A 136 7.70 6.40 29.78
CA TYR A 136 7.09 5.07 29.89
C TYR A 136 6.80 4.67 31.31
N LEU A 137 5.87 3.75 31.48
CA LEU A 137 5.49 3.30 32.81
C LEU A 137 6.15 1.99 33.21
N GLU A 138 6.48 1.17 32.23
CA GLU A 138 6.99 -0.18 32.47
C GLU A 138 7.50 -0.78 31.16
N ALA A 139 8.55 -1.59 31.26
CA ALA A 139 9.22 -2.15 30.10
C ALA A 139 9.63 -3.59 30.39
N TYR A 140 9.42 -4.46 29.41
CA TYR A 140 9.63 -5.90 29.56
C TYR A 140 10.31 -6.50 28.33
N GLU A 141 11.16 -7.49 28.60
CA GLU A 141 11.78 -8.30 27.60
C GLU A 141 10.77 -9.34 27.12
N VAL A 142 10.62 -9.48 25.80
CA VAL A 142 9.61 -10.39 25.23
C VAL A 142 10.24 -11.75 24.98
N THR A 143 9.97 -12.70 25.89
CA THR A 143 10.67 -14.01 25.94
C THR A 143 9.75 -15.22 26.12
N SER A 144 8.53 -15.00 26.64
CA SER A 144 7.58 -16.09 26.89
C SER A 144 7.13 -16.81 25.60
N PRO A 145 7.23 -18.16 25.57
CA PRO A 145 6.75 -18.98 24.45
C PRO A 145 5.20 -18.98 24.33
N LYS A 146 4.54 -18.29 25.26
CA LYS A 146 3.10 -18.06 25.16
C LYS A 146 2.80 -16.93 24.16
N VAL A 147 3.80 -16.09 23.89
CA VAL A 147 3.65 -14.96 22.94
C VAL A 147 4.61 -15.02 21.73
N ILE A 148 5.71 -15.77 21.85
CA ILE A 148 6.62 -15.97 20.69
C ILE A 148 6.81 -17.47 20.35
N PRO A 149 7.30 -17.76 19.12
CA PRO A 149 7.52 -19.15 18.71
C PRO A 149 8.63 -19.82 19.50
N GLU A 150 8.44 -21.12 19.74
CA GLU A 150 9.46 -21.94 20.40
C GLU A 150 10.72 -22.12 19.53
N GLN A 151 10.51 -22.10 18.22
CA GLN A 151 11.59 -22.18 17.24
C GLN A 151 11.33 -21.07 16.21
N PRO A 152 11.77 -19.84 16.51
CA PRO A 152 11.47 -18.74 15.57
C PRO A 152 12.31 -18.82 14.29
N GLU A 153 11.72 -18.41 13.17
CA GLU A 153 12.43 -18.26 11.89
C GLU A 153 13.61 -17.31 12.09
N PRO A 154 14.86 -17.80 11.82
CA PRO A 154 16.07 -16.98 12.02
C PRO A 154 16.03 -15.65 11.29
N THR A 155 15.52 -15.64 10.08
CA THR A 155 15.59 -14.45 9.25
C THR A 155 14.30 -13.68 9.22
N PHE A 156 13.34 -14.02 10.09
CA PHE A 156 12.06 -13.30 10.11
C PHE A 156 11.58 -12.87 11.52
N TYR A 157 12.44 -12.18 12.27
CA TYR A 157 12.10 -11.73 13.64
C TYR A 157 11.05 -10.61 13.69
N SER A 158 10.91 -9.85 12.60
CA SER A 158 9.83 -8.86 12.50
C SER A 158 8.45 -9.51 12.60
N ARG A 159 8.35 -10.75 12.12
CA ARG A 159 7.12 -11.55 12.26
C ARG A 159 7.09 -12.24 13.63
N GLU A 160 8.16 -13.00 13.92
CA GLU A 160 8.23 -13.86 15.11
C GLU A 160 8.19 -13.10 16.43
N MET A 161 8.90 -11.97 16.47
CA MET A 161 9.24 -11.30 17.73
C MET A 161 8.58 -9.94 17.84
N VAL A 162 7.81 -9.57 16.83
CA VAL A 162 7.07 -8.31 16.86
C VAL A 162 5.62 -8.57 16.51
N ALA A 163 5.35 -8.97 15.26
CA ALA A 163 3.94 -9.16 14.78
C ALA A 163 3.15 -10.09 15.71
N ILE A 164 3.68 -11.30 15.88
CA ILE A 164 3.07 -12.36 16.73
C ILE A 164 2.78 -11.92 18.18
N PRO A 165 3.81 -11.47 18.93
CA PRO A 165 3.51 -11.01 20.30
C PRO A 165 2.60 -9.78 20.37
N SER A 166 2.65 -8.90 19.36
CA SER A 166 1.78 -7.71 19.37
C SER A 166 0.31 -8.11 19.34
N ALA A 167 0.03 -9.24 18.68
CA ALA A 167 -1.33 -9.73 18.53
C ALA A 167 -1.80 -10.41 19.80
N HIS A 168 -0.88 -11.00 20.55
CA HIS A 168 -1.20 -11.51 21.89
C HIS A 168 -1.54 -10.39 22.85
N LEU A 169 -0.80 -9.30 22.77
CA LEU A 169 -1.08 -8.09 23.56
C LEU A 169 -2.45 -7.48 23.16
N ALA A 170 -2.75 -7.48 21.85
CA ALA A 170 -4.07 -7.05 21.34
C ALA A 170 -5.18 -7.94 21.87
N ALA A 171 -4.88 -9.24 21.98
CA ALA A 171 -5.85 -10.26 22.44
C ALA A 171 -6.06 -10.28 23.95
N GLY A 172 -5.22 -9.57 24.69
CA GLY A 172 -5.42 -9.40 26.13
C GLY A 172 -4.38 -10.05 27.05
N PHE A 173 -3.31 -10.58 26.46
CA PHE A 173 -2.25 -11.22 27.24
C PHE A 173 -1.61 -10.13 28.08
N PRO A 174 -1.51 -10.36 29.41
CA PRO A 174 -0.99 -9.33 30.32
C PRO A 174 0.45 -8.96 29.97
N LEU A 175 0.70 -7.66 29.79
CA LEU A 175 2.03 -7.15 29.38
C LEU A 175 3.16 -7.61 30.32
N SER A 176 2.89 -7.58 31.63
CA SER A 176 3.85 -8.03 32.64
C SER A 176 4.23 -9.51 32.50
N GLU A 177 3.43 -10.28 31.74
CA GLU A 177 3.71 -11.71 31.57
C GLU A 177 4.63 -12.09 30.39
N VAL A 178 4.99 -11.12 29.53
CA VAL A 178 5.77 -11.45 28.32
C VAL A 178 7.21 -11.82 28.61
N GLY A 179 7.69 -11.42 29.79
CA GLY A 179 9.05 -11.70 30.24
C GLY A 179 9.51 -10.78 31.36
N ARG A 180 10.77 -10.90 31.77
CA ARG A 180 11.30 -10.08 32.88
C ARG A 180 11.29 -8.55 32.57
N PRO A 181 11.18 -7.70 33.62
CA PRO A 181 11.29 -6.26 33.43
C PRO A 181 12.69 -5.88 33.03
N LEU A 182 12.80 -4.92 32.11
CA LEU A 182 14.10 -4.33 31.75
C LEU A 182 14.35 -3.03 32.49
N GLU A 183 15.56 -2.87 32.99
CA GLU A 183 15.98 -1.61 33.61
C GLU A 183 16.34 -0.59 32.51
N ASP A 184 16.23 0.70 32.85
CA ASP A 184 16.30 1.77 31.82
C ASP A 184 17.56 1.63 30.93
N HIS A 185 18.71 1.38 31.57
CA HIS A 185 20.00 1.21 30.88
C HIS A 185 20.08 -0.05 29.98
N GLU A 186 19.08 -0.94 30.06
CA GLU A 186 19.03 -2.16 29.22
C GLU A 186 18.28 -1.92 27.91
N ILE A 187 17.63 -0.77 27.80
CA ILE A 187 16.93 -0.40 26.56
C ILE A 187 17.89 0.44 25.71
N VAL A 188 18.26 -0.11 24.54
CA VAL A 188 19.21 0.53 23.64
C VAL A 188 18.59 1.82 23.10
N ARG A 189 19.42 2.83 22.87
CA ARG A 189 18.97 4.09 22.31
C ARG A 189 19.97 4.62 21.30
N PHE A 190 19.48 5.38 20.34
CA PHE A 190 20.39 6.08 19.44
C PHE A 190 20.68 7.50 19.89
N ASN A 191 21.84 8.02 19.47
CA ASN A 191 22.24 9.38 19.75
C ASN A 191 21.59 10.34 18.76
N ARG A 192 20.80 11.26 19.29
CA ARG A 192 20.12 12.27 18.48
C ARG A 192 21.08 13.46 18.21
N PRO A 193 21.28 13.81 16.91
CA PRO A 193 22.11 14.98 16.56
C PRO A 193 21.54 16.28 17.15
N ALA A 194 22.39 17.06 17.81
CA ALA A 194 21.96 18.25 18.51
C ALA A 194 21.96 19.46 17.60
N VAL A 195 20.94 20.30 17.76
CA VAL A 195 20.88 21.59 17.07
C VAL A 195 21.87 22.54 17.73
N GLU A 196 22.75 23.12 16.93
CA GLU A 196 23.79 24.01 17.44
C GLU A 196 23.38 25.47 17.26
N GLN A 197 23.66 26.28 18.28
CA GLN A 197 23.57 27.71 18.13
C GLN A 197 24.96 28.21 17.73
N ASP A 198 25.07 28.74 16.52
CA ASP A 198 26.34 29.18 15.95
C ASP A 198 26.34 30.69 15.73
N GLY A 199 26.73 31.43 16.78
CA GLY A 199 26.50 32.86 16.84
C GLY A 199 25.03 33.07 17.17
N GLU A 200 24.28 33.67 16.24
CA GLU A 200 22.83 33.79 16.39
C GLU A 200 22.04 32.95 15.38
N ALA A 201 22.78 32.28 14.48
CA ALA A 201 22.20 31.29 13.58
C ALA A 201 22.05 29.93 14.28
N LEU A 202 21.06 29.15 13.84
CA LEU A 202 20.86 27.81 14.34
C LEU A 202 21.25 26.81 13.26
N VAL A 203 22.07 25.84 13.63
CA VAL A 203 22.61 24.87 12.69
C VAL A 203 22.10 23.46 13.02
N GLY A 204 21.39 22.87 12.06
CA GLY A 204 20.94 21.49 12.13
C GLY A 204 21.19 20.76 10.82
N VAL A 205 20.20 19.98 10.39
CA VAL A 205 20.33 19.08 9.26
C VAL A 205 18.94 18.89 8.59
N VAL A 206 18.92 18.57 7.29
CA VAL A 206 17.70 18.12 6.67
C VAL A 206 17.40 16.75 7.26
N SER A 207 16.28 16.68 7.99
CA SER A 207 15.92 15.44 8.68
C SER A 207 15.23 14.47 7.71
N ALA A 208 14.47 15.03 6.77
CA ALA A 208 13.68 14.24 5.83
C ALA A 208 13.25 15.03 4.60
N ILE A 209 13.16 14.35 3.47
CA ILE A 209 12.41 14.89 2.33
C ILE A 209 10.96 14.39 2.49
N ASP A 210 10.00 15.29 2.31
CA ASP A 210 8.59 14.97 2.55
C ASP A 210 7.93 14.49 1.27
N HIS A 211 8.01 13.19 1.04
CA HIS A 211 7.40 12.55 -0.13
C HIS A 211 5.86 12.48 0.04
N PRO A 212 5.09 12.66 -1.06
CA PRO A 212 5.50 12.84 -2.45
C PRO A 212 5.66 14.27 -2.92
N PHE A 213 5.68 15.23 -2.00
CA PHE A 213 5.62 16.66 -2.40
C PHE A 213 6.99 17.28 -2.71
N GLY A 214 8.03 16.74 -2.07
CA GLY A 214 9.37 17.28 -2.17
C GLY A 214 9.61 18.48 -1.27
N ASN A 215 8.85 18.56 -0.16
CA ASN A 215 9.06 19.56 0.88
C ASN A 215 10.27 19.14 1.67
N VAL A 216 10.97 20.11 2.26
CA VAL A 216 12.19 19.81 3.01
C VAL A 216 12.00 20.00 4.53
N TRP A 217 12.21 18.93 5.30
CA TRP A 217 12.05 18.96 6.78
C TRP A 217 13.41 19.06 7.50
N THR A 218 13.53 19.98 8.46
CA THR A 218 14.76 20.08 9.27
C THR A 218 14.54 19.53 10.68
N ASN A 219 15.65 19.30 11.39
CA ASN A 219 15.59 18.89 12.80
C ASN A 219 15.59 20.10 13.75
N ILE A 220 15.35 21.29 13.18
CA ILE A 220 15.25 22.54 13.95
C ILE A 220 13.79 22.76 14.36
N HIS A 221 13.53 22.65 15.67
CA HIS A 221 12.16 22.61 16.21
C HIS A 221 11.59 24.01 16.49
N ARG A 222 10.28 24.10 16.68
CA ARG A 222 9.63 25.37 17.07
C ARG A 222 10.17 25.92 18.40
N THR A 223 10.55 25.01 19.30
CA THR A 223 11.14 25.42 20.58
C THR A 223 12.50 26.06 20.40
N ASP A 224 13.31 25.50 19.49
CA ASP A 224 14.61 26.08 19.11
C ASP A 224 14.42 27.48 18.53
N LEU A 225 13.30 27.69 17.84
CA LEU A 225 13.00 28.96 17.20
C LEU A 225 12.58 30.06 18.19
N GLU A 226 11.71 29.73 19.14
CA GLU A 226 11.30 30.70 20.17
C GLU A 226 12.42 30.95 21.20
N LYS A 227 13.47 30.13 21.12
CA LYS A 227 14.69 30.32 21.91
C LYS A 227 15.49 31.50 21.37
N ALA A 228 15.54 31.64 20.05
CA ALA A 228 16.29 32.72 19.41
C ALA A 228 15.39 33.88 18.93
N GLY A 229 14.14 33.87 19.39
CA GLY A 229 13.21 34.97 19.15
C GLY A 229 12.32 34.84 17.91
N ILE A 230 12.44 33.72 17.19
CA ILE A 230 11.78 33.57 15.88
C ILE A 230 10.31 33.09 15.96
N GLY A 231 9.40 33.91 15.44
CA GLY A 231 7.98 33.57 15.35
C GLY A 231 7.42 33.80 13.96
N TYR A 232 6.12 33.56 13.79
CA TYR A 232 5.49 33.75 12.50
C TYR A 232 5.62 35.20 12.04
N GLY A 233 6.21 35.40 10.87
CA GLY A 233 6.34 36.72 10.28
C GLY A 233 7.78 37.22 10.24
N ALA A 234 8.69 36.35 10.66
CA ALA A 234 10.11 36.69 10.72
C ALA A 234 10.83 36.33 9.42
N ARG A 235 11.45 37.35 8.80
CA ARG A 235 12.32 37.16 7.63
C ARG A 235 13.50 36.26 8.01
N LEU A 236 13.69 35.17 7.25
CA LEU A 236 14.74 34.21 7.56
C LEU A 236 15.62 33.91 6.36
N ARG A 237 16.88 33.62 6.64
CA ARG A 237 17.79 33.07 5.65
C ARG A 237 18.11 31.62 6.04
N LEU A 238 17.80 30.69 5.12
CA LEU A 238 17.98 29.27 5.37
C LEU A 238 18.89 28.70 4.31
N THR A 239 20.07 28.27 4.73
CA THR A 239 21.05 27.69 3.82
C THR A 239 21.03 26.18 3.92
N LEU A 240 20.96 25.55 2.76
CA LEU A 240 20.98 24.09 2.67
C LEU A 240 22.23 23.66 1.92
N ASP A 241 22.82 22.55 2.35
CA ASP A 241 24.03 21.98 1.72
C ASP A 241 25.19 22.97 1.71
N GLY A 242 25.09 24.00 2.54
CA GLY A 242 26.16 24.97 2.71
C GLY A 242 26.29 26.01 1.60
N VAL A 243 25.58 25.80 0.49
CA VAL A 243 25.72 26.73 -0.65
C VAL A 243 24.41 27.33 -1.18
N LEU A 244 23.29 26.63 -0.96
CA LEU A 244 21.99 27.09 -1.44
C LEU A 244 21.27 27.82 -0.33
N PRO A 245 21.39 29.15 -0.28
CA PRO A 245 20.54 29.85 0.67
C PRO A 245 19.20 30.23 0.02
N PHE A 246 18.14 30.22 0.84
CA PHE A 246 16.80 30.71 0.46
C PHE A 246 16.38 31.82 1.43
N GLU A 247 15.45 32.67 1.01
CA GLU A 247 14.95 33.74 1.88
C GLU A 247 13.43 33.85 1.82
N ALA A 248 12.80 33.88 2.98
CA ALA A 248 11.33 34.04 3.10
C ALA A 248 10.97 34.29 4.55
N PRO A 249 9.84 34.99 4.80
CA PRO A 249 9.32 35.04 6.16
C PRO A 249 8.82 33.66 6.61
N LEU A 250 8.81 33.44 7.92
CA LEU A 250 8.14 32.30 8.49
C LEU A 250 6.62 32.51 8.44
N THR A 251 5.93 31.60 7.76
CA THR A 251 4.48 31.64 7.61
C THR A 251 3.86 30.31 8.01
N PRO A 252 2.60 30.33 8.46
CA PRO A 252 1.86 29.10 8.78
C PRO A 252 1.73 28.05 7.64
N THR A 253 1.57 28.49 6.39
CA THR A 253 1.20 27.55 5.32
C THR A 253 1.81 27.89 3.95
N PHE A 254 1.65 26.97 3.00
CA PHE A 254 2.27 27.08 1.65
C PHE A 254 1.77 28.27 0.86
N ALA A 255 0.45 28.48 0.85
CA ALA A 255 -0.20 29.54 0.04
C ALA A 255 0.17 30.96 0.47
N ASP A 256 0.80 31.09 1.64
CA ASP A 256 1.28 32.39 2.11
C ASP A 256 2.53 32.88 1.35
N ALA A 257 3.07 32.02 0.49
CA ALA A 257 4.25 32.35 -0.33
C ALA A 257 3.86 33.30 -1.48
N GLY A 258 2.57 33.34 -1.78
CA GLY A 258 2.07 34.16 -2.87
C GLY A 258 1.76 33.31 -4.08
N GLU A 259 2.49 33.56 -5.17
CA GLU A 259 2.24 32.83 -6.42
C GLU A 259 2.74 31.37 -6.32
N ILE A 260 2.23 30.54 -7.23
CA ILE A 260 2.56 29.12 -7.30
C ILE A 260 4.02 28.98 -7.74
N GLY A 261 4.78 28.16 -7.00
CA GLY A 261 6.20 28.04 -7.25
C GLY A 261 7.05 28.83 -6.27
N ASN A 262 6.48 29.87 -5.66
CA ASN A 262 7.22 30.66 -4.68
C ASN A 262 7.61 29.88 -3.43
N ILE A 263 8.68 30.32 -2.79
CA ILE A 263 9.25 29.69 -1.61
C ILE A 263 8.44 30.04 -0.36
N ALA A 264 8.16 29.03 0.45
CA ALA A 264 7.55 29.20 1.76
C ALA A 264 8.43 28.56 2.82
N ILE A 265 8.72 29.29 3.89
CA ILE A 265 9.37 28.72 5.06
C ILE A 265 8.33 28.69 6.20
N TYR A 266 8.13 27.50 6.73
CA TYR A 266 6.96 27.21 7.59
C TYR A 266 7.31 26.25 8.72
N LEU A 267 6.34 26.02 9.61
CA LEU A 267 6.43 24.93 10.57
C LEU A 267 5.55 23.78 10.09
N ASN A 268 6.13 22.58 10.01
CA ASN A 268 5.39 21.39 9.58
C ASN A 268 4.42 20.89 10.68
N SER A 269 3.56 19.94 10.31
CA SER A 269 2.57 19.37 11.23
C SER A 269 3.20 18.63 12.41
N ARG A 270 4.52 18.47 12.38
CA ARG A 270 5.25 17.79 13.46
C ARG A 270 6.01 18.79 14.34
N GLY A 271 5.84 20.09 14.03
CA GLY A 271 6.47 21.15 14.81
C GLY A 271 7.82 21.70 14.32
N TYR A 272 8.37 21.11 13.26
CA TYR A 272 9.74 21.46 12.81
C TYR A 272 9.82 22.47 11.65
N LEU A 273 10.82 23.35 11.71
CA LEU A 273 11.10 24.33 10.65
C LEU A 273 11.31 23.63 9.29
N SER A 274 10.57 24.06 8.28
CA SER A 274 10.59 23.38 6.99
C SER A 274 10.61 24.37 5.82
N ILE A 275 10.94 23.88 4.63
CA ILE A 275 10.96 24.71 3.43
C ILE A 275 10.34 23.98 2.25
N ALA A 276 9.61 24.73 1.42
CA ALA A 276 8.93 24.16 0.29
C ALA A 276 8.68 25.25 -0.75
N ARG A 277 8.14 24.84 -1.89
CA ARG A 277 7.53 25.75 -2.83
C ARG A 277 6.01 25.57 -2.79
N ASN A 278 5.29 26.69 -3.01
CA ASN A 278 3.85 26.70 -3.02
C ASN A 278 3.28 25.91 -4.20
N ALA A 279 2.67 24.75 -3.89
CA ALA A 279 2.15 23.82 -4.91
C ALA A 279 3.14 23.53 -6.03
N ALA A 280 4.40 23.31 -5.64
CA ALA A 280 5.42 22.80 -6.53
C ALA A 280 6.44 22.07 -5.68
N SER A 281 7.18 21.17 -6.30
CA SER A 281 8.25 20.45 -5.61
C SER A 281 9.53 21.25 -5.53
N LEU A 282 10.13 21.31 -4.33
CA LEU A 282 11.41 21.98 -4.14
C LEU A 282 12.56 20.99 -4.21
N ALA A 283 12.46 19.90 -3.47
CA ALA A 283 13.54 18.94 -3.36
C ALA A 283 13.90 18.25 -4.66
N TYR A 284 12.88 17.93 -5.47
CA TYR A 284 13.06 17.01 -6.60
C TYR A 284 13.83 17.60 -7.81
N PRO A 285 13.56 18.88 -8.18
CA PRO A 285 14.35 19.45 -9.28
C PRO A 285 15.82 19.69 -8.92
N TYR A 286 16.08 20.10 -7.67
CA TYR A 286 17.44 20.44 -7.24
C TYR A 286 18.13 19.27 -6.52
N HIS A 287 17.51 18.10 -6.58
CA HIS A 287 18.03 16.86 -5.98
C HIS A 287 18.54 17.06 -4.52
N LEU A 288 17.73 17.78 -3.73
CA LEU A 288 18.00 17.96 -2.30
C LEU A 288 17.67 16.69 -1.52
N LYS A 289 18.45 16.41 -0.47
CA LYS A 289 18.39 15.11 0.19
C LYS A 289 18.55 15.20 1.70
N GLU A 290 17.93 14.24 2.39
CA GLU A 290 18.16 13.96 3.80
C GLU A 290 19.66 14.02 4.12
N GLY A 291 20.02 14.47 5.31
CA GLY A 291 21.42 14.46 5.75
C GLY A 291 22.24 15.68 5.38
N MET A 292 21.74 16.49 4.44
CA MET A 292 22.37 17.76 4.07
C MET A 292 22.28 18.74 5.24
N SER A 293 23.32 19.56 5.42
CA SER A 293 23.32 20.64 6.42
C SER A 293 22.17 21.61 6.24
N ALA A 294 21.64 22.12 7.35
CA ALA A 294 20.62 23.17 7.32
C ALA A 294 20.93 24.24 8.35
N ARG A 295 21.01 25.48 7.89
CA ARG A 295 21.33 26.63 8.74
C ARG A 295 20.24 27.69 8.63
N VAL A 296 19.84 28.28 9.76
CA VAL A 296 18.83 29.35 9.76
C VAL A 296 19.17 30.55 10.69
N GLU A 297 18.75 31.74 10.26
CA GLU A 297 18.97 32.99 11.03
C GLU A 297 18.04 34.09 10.53
N ALA A 298 17.71 35.04 11.40
CA ALA A 298 16.90 36.21 11.02
C ALA A 298 17.77 37.42 10.73
N ARG B 8 -16.61 -14.06 10.89
CA ARG B 8 -15.37 -13.26 10.60
C ARG B 8 -14.57 -13.81 9.38
N PRO B 9 -15.21 -13.86 8.18
CA PRO B 9 -14.57 -14.43 7.01
C PRO B 9 -13.47 -13.52 6.45
N ILE B 10 -12.38 -14.13 5.99
CA ILE B 10 -11.26 -13.38 5.39
C ILE B 10 -11.12 -13.71 3.91
N ILE B 11 -10.92 -12.67 3.10
CA ILE B 11 -10.42 -12.86 1.74
C ILE B 11 -9.05 -12.22 1.67
N ALA B 12 -8.03 -13.02 1.34
CA ALA B 12 -6.70 -12.49 1.09
C ALA B 12 -6.49 -12.33 -0.42
N PHE B 13 -6.12 -11.11 -0.83
CA PHE B 13 -6.25 -10.66 -2.21
C PHE B 13 -4.86 -10.35 -2.82
N MET B 14 -4.52 -11.02 -3.92
CA MET B 14 -3.26 -10.76 -4.64
C MET B 14 -3.58 -10.55 -6.12
N SER B 15 -3.13 -9.44 -6.68
CA SER B 15 -3.33 -9.16 -8.11
C SER B 15 -2.12 -8.45 -8.74
N ASP B 16 -2.27 -8.15 -10.03
CA ASP B 16 -1.31 -7.37 -10.80
C ASP B 16 -1.87 -5.94 -11.09
N LEU B 17 -2.88 -5.52 -10.33
CA LEU B 17 -3.61 -4.27 -10.63
C LEU B 17 -2.88 -3.01 -10.16
N GLY B 18 -1.84 -3.18 -9.35
CA GLY B 18 -1.12 -2.03 -8.78
C GLY B 18 -1.91 -1.26 -7.75
N THR B 19 -1.28 -0.24 -7.18
CA THR B 19 -1.90 0.58 -6.15
C THR B 19 -1.96 2.07 -6.55
N THR B 20 -2.07 2.35 -7.84
CA THR B 20 -2.02 3.76 -8.31
C THR B 20 -3.36 4.33 -8.83
N ASP B 21 -4.39 3.49 -8.87
CA ASP B 21 -5.68 3.92 -9.33
C ASP B 21 -6.77 3.27 -8.47
N ASP B 22 -8.02 3.28 -8.95
CA ASP B 22 -9.17 2.76 -8.18
C ASP B 22 -9.53 1.30 -8.47
N SER B 23 -8.68 0.60 -9.22
CA SER B 23 -8.98 -0.78 -9.65
C SER B 23 -9.14 -1.77 -8.49
N VAL B 24 -8.17 -1.78 -7.57
CA VAL B 24 -8.25 -2.64 -6.38
C VAL B 24 -9.47 -2.27 -5.50
N ALA B 25 -9.70 -0.98 -5.29
CA ALA B 25 -10.85 -0.48 -4.53
C ALA B 25 -12.21 -0.89 -5.10
N GLN B 26 -12.36 -0.88 -6.44
CA GLN B 26 -13.56 -1.43 -7.10
C GLN B 26 -13.80 -2.90 -6.70
N CYS B 27 -12.76 -3.71 -6.80
CA CYS B 27 -12.83 -5.11 -6.34
C CYS B 27 -13.24 -5.18 -4.86
N LYS B 28 -12.58 -4.41 -4.01
CA LYS B 28 -12.89 -4.41 -2.56
C LYS B 28 -14.34 -4.00 -2.26
N GLY B 29 -14.80 -2.96 -2.94
CA GLY B 29 -16.15 -2.46 -2.75
C GLY B 29 -17.16 -3.56 -2.95
N LEU B 30 -17.01 -4.28 -4.07
CA LEU B 30 -17.87 -5.41 -4.41
C LEU B 30 -17.76 -6.60 -3.44
N MET B 31 -16.58 -6.78 -2.84
CA MET B 31 -16.37 -7.76 -1.74
C MET B 31 -17.23 -7.46 -0.51
N TYR B 32 -17.16 -6.20 -0.02
CA TYR B 32 -18.02 -5.76 1.10
C TYR B 32 -19.51 -5.74 0.77
N SER B 33 -19.85 -5.45 -0.49
CA SER B 33 -21.24 -5.55 -1.02
C SER B 33 -21.84 -6.96 -0.95
N ILE B 34 -21.03 -7.96 -1.25
CA ILE B 34 -21.49 -9.35 -1.33
C ILE B 34 -21.34 -10.07 0.03
N CYS B 35 -20.32 -9.71 0.78
CA CYS B 35 -20.04 -10.35 2.06
C CYS B 35 -19.78 -9.27 3.10
N PRO B 36 -20.85 -8.65 3.63
CA PRO B 36 -20.68 -7.43 4.48
C PRO B 36 -19.70 -7.54 5.67
N ASP B 37 -19.62 -8.72 6.31
CA ASP B 37 -18.76 -8.91 7.49
C ASP B 37 -17.33 -9.38 7.14
N VAL B 38 -16.98 -9.35 5.85
CA VAL B 38 -15.67 -9.78 5.41
C VAL B 38 -14.56 -8.86 5.88
N THR B 39 -13.39 -9.47 6.11
CA THR B 39 -12.12 -8.75 6.21
C THR B 39 -11.28 -9.07 4.96
N VAL B 40 -10.90 -8.03 4.24
CA VAL B 40 -10.07 -8.17 3.04
C VAL B 40 -8.64 -7.82 3.40
N VAL B 41 -7.73 -8.77 3.20
CA VAL B 41 -6.32 -8.58 3.51
C VAL B 41 -5.54 -8.56 2.19
N ASP B 42 -4.85 -7.45 1.93
CA ASP B 42 -3.99 -7.34 0.75
C ASP B 42 -2.77 -8.22 0.91
N VAL B 43 -2.56 -9.10 -0.06
CA VAL B 43 -1.32 -9.83 -0.14
C VAL B 43 -0.27 -8.91 -0.78
N CYS B 44 -0.38 -8.68 -2.08
CA CYS B 44 0.34 -7.61 -2.78
C CYS B 44 -0.29 -7.36 -4.14
N HIS B 45 -0.10 -6.17 -4.68
CA HIS B 45 -0.67 -5.82 -6.00
C HIS B 45 0.39 -5.38 -7.01
N SER B 46 1.64 -5.78 -6.71
CA SER B 46 2.87 -5.25 -7.36
C SER B 46 3.53 -6.16 -8.36
N MET B 47 3.13 -7.43 -8.39
CA MET B 47 3.74 -8.39 -9.28
C MET B 47 3.88 -7.83 -10.69
N THR B 48 4.94 -8.22 -11.39
CA THR B 48 5.09 -7.91 -12.80
C THR B 48 3.86 -8.46 -13.54
N PRO B 49 3.11 -7.59 -14.23
CA PRO B 49 1.92 -8.01 -14.98
C PRO B 49 2.18 -9.23 -15.86
N TRP B 50 1.31 -10.24 -15.72
CA TRP B 50 1.27 -11.42 -16.60
C TRP B 50 2.37 -12.45 -16.37
N ASP B 51 3.22 -12.22 -15.37
CA ASP B 51 4.28 -13.19 -14.96
C ASP B 51 3.70 -14.18 -13.95
N VAL B 52 3.10 -15.26 -14.44
CA VAL B 52 2.39 -16.19 -13.55
C VAL B 52 3.31 -16.90 -12.55
N GLU B 53 4.59 -17.07 -12.93
CA GLU B 53 5.59 -17.70 -12.07
C GLU B 53 5.89 -16.84 -10.82
N GLU B 54 5.95 -15.53 -11.03
CA GLU B 54 6.20 -14.59 -9.95
C GLU B 54 4.98 -14.51 -9.05
N GLY B 55 3.80 -14.43 -9.65
CA GLY B 55 2.56 -14.41 -8.89
C GLY B 55 2.43 -15.63 -7.99
N ALA B 56 2.82 -16.80 -8.53
CA ALA B 56 2.76 -18.07 -7.80
C ALA B 56 3.60 -18.05 -6.52
N ARG B 57 4.75 -17.39 -6.57
CA ARG B 57 5.61 -17.22 -5.39
C ARG B 57 4.95 -16.45 -4.24
N TYR B 58 4.13 -15.45 -4.56
CA TYR B 58 3.50 -14.62 -3.53
C TYR B 58 2.26 -15.27 -2.88
N ILE B 59 1.84 -16.44 -3.37
CA ILE B 59 0.59 -17.06 -2.86
C ILE B 59 0.79 -18.50 -2.36
N VAL B 60 1.86 -19.14 -2.81
CA VAL B 60 2.11 -20.55 -2.48
C VAL B 60 2.28 -20.81 -0.96
N ASP B 61 2.84 -19.85 -0.24
CA ASP B 61 3.19 -20.08 1.18
C ASP B 61 2.11 -19.59 2.17
N LEU B 62 1.01 -19.08 1.66
CA LEU B 62 0.01 -18.35 2.49
C LEU B 62 -0.83 -19.16 3.54
N PRO B 63 -1.29 -20.38 3.19
CA PRO B 63 -2.33 -21.04 4.05
C PRO B 63 -2.05 -21.13 5.56
N ARG B 64 -0.83 -21.52 5.95
CA ARG B 64 -0.52 -21.78 7.37
C ARG B 64 -0.61 -20.51 8.23
N PHE B 65 -0.52 -19.35 7.59
CA PHE B 65 -0.57 -18.09 8.32
C PHE B 65 -1.98 -17.61 8.63
N PHE B 66 -2.98 -18.16 7.91
CA PHE B 66 -4.36 -17.67 7.94
C PHE B 66 -5.34 -18.59 8.66
N PRO B 67 -6.41 -18.02 9.27
CA PRO B 67 -7.49 -18.83 9.82
C PRO B 67 -8.08 -19.78 8.78
N GLU B 68 -8.43 -20.98 9.23
CA GLU B 68 -9.10 -21.95 8.40
C GLU B 68 -10.44 -21.40 7.89
N GLY B 69 -10.72 -21.66 6.61
CA GLY B 69 -11.87 -21.08 5.94
C GLY B 69 -11.54 -19.84 5.12
N THR B 70 -10.28 -19.38 5.16
CA THR B 70 -9.83 -18.24 4.34
C THR B 70 -9.93 -18.55 2.84
N VAL B 71 -10.33 -17.53 2.07
CA VAL B 71 -10.44 -17.59 0.61
C VAL B 71 -9.35 -16.72 -0.04
N PHE B 72 -8.50 -17.33 -0.85
CA PHE B 72 -7.43 -16.61 -1.53
C PHE B 72 -7.86 -16.28 -2.94
N ALA B 73 -8.08 -14.99 -3.19
CA ALA B 73 -8.39 -14.49 -4.53
C ALA B 73 -7.09 -13.99 -5.17
N THR B 74 -6.59 -14.75 -6.13
CA THR B 74 -5.24 -14.52 -6.69
C THR B 74 -5.36 -14.35 -8.21
N THR B 75 -4.93 -13.21 -8.74
CA THR B 75 -5.19 -12.92 -10.16
C THR B 75 -4.18 -12.07 -10.96
N THR B 76 -3.64 -12.67 -12.01
CA THR B 76 -3.16 -11.94 -13.21
C THR B 76 -3.92 -12.51 -14.43
N TYR B 77 -4.58 -11.65 -15.20
CA TYR B 77 -5.56 -12.14 -16.17
C TYR B 77 -5.36 -11.62 -17.63
N PRO B 78 -4.20 -11.98 -18.28
CA PRO B 78 -4.00 -11.47 -19.66
C PRO B 78 -5.09 -11.90 -20.67
N ALA B 79 -5.87 -12.93 -20.33
CA ALA B 79 -6.91 -13.39 -21.26
C ALA B 79 -8.32 -12.82 -20.95
N THR B 80 -8.36 -11.77 -20.14
CA THR B 80 -9.61 -11.05 -19.85
C THR B 80 -10.41 -10.80 -21.14
N GLY B 81 -11.73 -10.92 -21.06
CA GLY B 81 -12.60 -10.71 -22.22
C GLY B 81 -12.76 -11.89 -23.16
N THR B 82 -12.08 -12.99 -22.87
CA THR B 82 -12.21 -14.23 -23.65
C THR B 82 -13.15 -15.24 -23.00
N THR B 83 -13.35 -16.37 -23.69
CA THR B 83 -14.26 -17.45 -23.27
C THR B 83 -13.74 -18.26 -22.07
N THR B 84 -12.50 -18.01 -21.69
CA THR B 84 -11.90 -18.67 -20.51
C THR B 84 -12.63 -18.26 -19.22
N ARG B 85 -12.72 -19.20 -18.29
CA ARG B 85 -13.33 -18.95 -17.02
C ARG B 85 -12.36 -19.39 -15.92
N SER B 86 -12.44 -18.73 -14.78
CA SER B 86 -11.60 -19.06 -13.63
C SER B 86 -11.82 -20.47 -13.07
N VAL B 87 -10.87 -20.90 -12.24
CA VAL B 87 -10.97 -22.17 -11.54
C VAL B 87 -10.91 -21.96 -10.03
N ALA B 88 -11.79 -22.66 -9.31
CA ALA B 88 -11.86 -22.58 -7.86
C ALA B 88 -11.49 -23.94 -7.26
N VAL B 89 -10.56 -23.93 -6.30
CA VAL B 89 -10.03 -25.18 -5.71
C VAL B 89 -10.00 -25.15 -4.21
N ARG B 90 -10.39 -26.28 -3.61
CA ARG B 90 -10.13 -26.55 -2.21
C ARG B 90 -8.83 -27.36 -2.13
N ILE B 91 -7.82 -26.81 -1.46
CA ILE B 91 -6.52 -27.50 -1.30
C ILE B 91 -6.59 -28.58 -0.22
N LYS B 92 -5.58 -29.44 -0.19
CA LYS B 92 -5.56 -30.54 0.77
C LYS B 92 -4.74 -30.19 2.02
N GLN B 93 -3.42 -30.23 1.92
CA GLN B 93 -2.55 -29.91 3.05
C GLN B 93 -2.31 -28.41 3.13
N ALA B 94 -2.42 -27.86 4.34
CA ALA B 94 -2.04 -26.45 4.59
C ALA B 94 -0.52 -26.30 4.52
N ALA B 95 0.18 -27.41 4.82
CA ALA B 95 1.62 -27.56 4.57
C ALA B 95 2.51 -26.66 5.42
N LYS B 96 3.39 -27.30 6.19
CA LYS B 96 4.45 -26.58 6.91
C LYS B 96 5.40 -25.87 5.92
N GLY B 97 6.47 -25.29 6.44
CA GLY B 97 7.46 -24.59 5.62
C GLY B 97 8.41 -23.73 6.42
N GLY B 98 9.11 -22.83 5.75
CA GLY B 98 10.19 -22.06 6.38
C GLY B 98 11.50 -22.84 6.34
N ALA B 99 12.56 -22.22 6.86
CA ALA B 99 13.91 -22.80 6.80
C ALA B 99 14.02 -24.19 7.46
N ARG B 100 13.20 -24.42 8.48
CA ARG B 100 13.23 -25.70 9.22
C ARG B 100 12.08 -26.63 8.81
N GLY B 101 10.92 -26.05 8.51
CA GLY B 101 9.73 -26.83 8.18
C GLY B 101 8.89 -27.09 9.42
N GLN B 102 7.95 -26.19 9.69
CA GLN B 102 7.14 -26.19 10.93
C GLN B 102 5.85 -25.40 10.71
N TRP B 103 4.95 -25.42 11.72
CA TRP B 103 3.78 -24.53 11.72
C TRP B 103 4.18 -23.11 12.13
N ALA B 104 3.39 -22.13 11.71
CA ALA B 104 3.62 -20.73 12.07
C ALA B 104 2.90 -20.34 13.36
N GLY B 105 3.48 -19.39 14.09
CA GLY B 105 2.84 -18.82 15.30
C GLY B 105 3.66 -19.05 16.56
N SER B 106 3.14 -18.59 17.69
CA SER B 106 3.77 -18.76 19.00
C SER B 106 3.69 -20.21 19.49
N GLY B 107 4.46 -20.54 20.52
CA GLY B 107 4.59 -21.93 20.98
C GLY B 107 5.04 -22.85 19.87
N ALA B 108 4.36 -23.99 19.73
CA ALA B 108 4.69 -24.98 18.69
C ALA B 108 3.98 -24.67 17.35
N GLY B 109 3.40 -23.47 17.25
CA GLY B 109 2.73 -23.01 16.04
C GLY B 109 1.25 -23.36 16.00
N PHE B 110 0.55 -22.81 15.00
CA PHE B 110 -0.86 -23.14 14.79
C PHE B 110 -1.01 -24.24 13.72
N GLU B 111 -1.34 -25.45 14.17
CA GLU B 111 -1.65 -26.56 13.28
C GLU B 111 -2.98 -26.29 12.55
N ARG B 112 -2.97 -26.44 11.21
CA ARG B 112 -4.15 -26.19 10.37
C ARG B 112 -4.69 -27.49 9.77
N ALA B 113 -6.01 -27.64 9.73
CA ALA B 113 -6.63 -28.90 9.25
C ALA B 113 -6.55 -29.04 7.73
N GLU B 114 -6.76 -30.26 7.24
CA GLU B 114 -6.80 -30.54 5.82
C GLU B 114 -8.07 -29.98 5.15
N GLY B 115 -7.96 -29.68 3.85
CA GLY B 115 -9.10 -29.19 3.04
C GLY B 115 -9.81 -27.97 3.57
N SER B 116 -9.04 -27.02 4.11
CA SER B 116 -9.61 -25.89 4.86
C SER B 116 -9.42 -24.48 4.21
N TYR B 117 -8.95 -24.45 2.97
CA TYR B 117 -8.69 -23.20 2.24
C TYR B 117 -9.13 -23.29 0.77
N ILE B 118 -9.63 -22.18 0.24
CA ILE B 118 -10.08 -22.08 -1.15
C ILE B 118 -9.22 -21.04 -1.87
N TYR B 119 -8.79 -21.39 -3.08
CA TYR B 119 -8.09 -20.46 -3.98
C TYR B 119 -8.97 -20.31 -5.20
N ILE B 120 -9.16 -19.07 -5.64
CA ILE B 120 -9.86 -18.80 -6.88
C ILE B 120 -9.00 -17.89 -7.79
N ALA B 121 -8.81 -18.34 -9.03
CA ALA B 121 -7.81 -17.72 -9.91
C ALA B 121 -8.16 -17.91 -11.37
N PRO B 122 -7.57 -17.09 -12.27
CA PRO B 122 -7.66 -17.45 -13.69
C PRO B 122 -7.13 -18.87 -13.92
N ASN B 123 -7.69 -19.60 -14.88
CA ASN B 123 -7.15 -20.93 -15.19
C ASN B 123 -5.98 -20.77 -16.19
N ASN B 124 -4.87 -20.21 -15.70
CA ASN B 124 -3.69 -19.92 -16.53
C ASN B 124 -2.33 -20.37 -15.98
N GLY B 125 -2.35 -21.25 -14.97
CA GLY B 125 -1.12 -21.75 -14.38
C GLY B 125 -0.66 -21.00 -13.14
N LEU B 126 -1.36 -19.94 -12.78
CA LEU B 126 -1.04 -19.17 -11.55
C LEU B 126 -1.01 -20.05 -10.28
N LEU B 127 -1.83 -21.11 -10.27
CA LEU B 127 -1.96 -22.03 -9.10
C LEU B 127 -1.11 -23.30 -9.21
N THR B 128 -0.14 -23.31 -10.13
CA THR B 128 0.72 -24.50 -10.39
C THR B 128 1.45 -25.01 -9.15
N THR B 129 2.12 -24.08 -8.45
CA THR B 129 2.88 -24.43 -7.25
C THR B 129 1.98 -24.65 -6.03
N VAL B 130 0.85 -23.95 -5.98
CA VAL B 130 -0.18 -24.19 -4.93
C VAL B 130 -0.62 -25.65 -4.93
N LEU B 131 -1.00 -26.17 -6.10
CA LEU B 131 -1.46 -27.56 -6.24
C LEU B 131 -0.33 -28.56 -6.02
N GLU B 132 0.84 -28.24 -6.57
CA GLU B 132 2.03 -29.07 -6.42
C GLU B 132 2.44 -29.24 -4.94
N GLU B 133 2.38 -28.16 -4.18
CA GLU B 133 2.84 -28.16 -2.79
C GLU B 133 1.76 -28.48 -1.74
N HIS B 134 0.49 -28.35 -2.12
CA HIS B 134 -0.61 -28.55 -1.17
C HIS B 134 -1.54 -29.68 -1.57
N GLY B 135 -1.54 -30.03 -2.85
CA GLY B 135 -2.53 -30.96 -3.38
C GLY B 135 -3.89 -30.28 -3.36
N TYR B 136 -4.90 -30.93 -3.92
CA TYR B 136 -6.26 -30.38 -3.87
C TYR B 136 -7.32 -31.48 -3.74
N LEU B 137 -8.50 -31.11 -3.26
CA LEU B 137 -9.56 -32.09 -2.98
C LEU B 137 -10.68 -32.05 -3.99
N GLU B 138 -10.86 -30.89 -4.63
CA GLU B 138 -11.89 -30.69 -5.65
C GLU B 138 -11.63 -29.38 -6.37
N ALA B 139 -11.88 -29.37 -7.68
CA ALA B 139 -11.73 -28.14 -8.49
C ALA B 139 -12.93 -27.94 -9.42
N TYR B 140 -13.34 -26.69 -9.60
CA TYR B 140 -14.53 -26.35 -10.39
C TYR B 140 -14.32 -25.13 -11.28
N GLU B 141 -14.86 -25.19 -12.49
CA GLU B 141 -14.91 -24.04 -13.37
C GLU B 141 -15.92 -23.01 -12.83
N VAL B 142 -15.56 -21.74 -12.86
CA VAL B 142 -16.42 -20.68 -12.33
C VAL B 142 -17.30 -20.07 -13.45
N THR B 143 -18.52 -20.59 -13.60
CA THR B 143 -19.44 -20.21 -14.71
C THR B 143 -20.81 -19.65 -14.28
N SER B 144 -21.23 -19.91 -13.04
CA SER B 144 -22.60 -19.60 -12.60
C SER B 144 -22.88 -18.10 -12.46
N PRO B 145 -23.96 -17.61 -13.10
CA PRO B 145 -24.42 -16.22 -12.97
C PRO B 145 -24.77 -15.81 -11.53
N LYS B 146 -24.89 -16.78 -10.63
CA LYS B 146 -25.05 -16.49 -9.22
C LYS B 146 -23.77 -15.87 -8.61
N VAL B 147 -22.62 -16.17 -9.21
CA VAL B 147 -21.34 -15.74 -8.64
C VAL B 147 -20.47 -14.88 -9.56
N ILE B 148 -20.83 -14.82 -10.84
CA ILE B 148 -20.20 -13.88 -11.81
C ILE B 148 -21.25 -13.02 -12.54
N PRO B 149 -20.83 -11.87 -13.13
CA PRO B 149 -21.80 -11.07 -13.87
C PRO B 149 -22.28 -11.79 -15.13
N GLU B 150 -23.55 -11.55 -15.50
CA GLU B 150 -24.11 -12.06 -16.77
C GLU B 150 -23.51 -11.29 -17.96
N GLN B 151 -23.08 -10.05 -17.69
CA GLN B 151 -22.39 -9.22 -18.67
C GLN B 151 -21.08 -8.68 -18.10
N PRO B 152 -20.04 -9.52 -18.12
CA PRO B 152 -18.77 -9.10 -17.55
C PRO B 152 -18.04 -8.07 -18.43
N GLU B 153 -17.38 -7.13 -17.77
CA GLU B 153 -16.53 -6.13 -18.41
C GLU B 153 -15.36 -6.85 -19.07
N PRO B 154 -15.24 -6.74 -20.43
CA PRO B 154 -14.20 -7.38 -21.24
C PRO B 154 -12.77 -7.22 -20.72
N THR B 155 -12.41 -6.04 -20.25
CA THR B 155 -11.02 -5.79 -19.81
C THR B 155 -10.78 -5.95 -18.31
N PHE B 156 -11.80 -6.39 -17.56
CA PHE B 156 -11.64 -6.46 -16.13
C PHE B 156 -12.03 -7.79 -15.48
N TYR B 157 -11.50 -8.91 -16.00
CA TYR B 157 -11.81 -10.24 -15.46
C TYR B 157 -11.23 -10.50 -14.04
N SER B 158 -10.23 -9.70 -13.63
CA SER B 158 -9.74 -9.77 -12.24
C SER B 158 -10.83 -9.41 -11.22
N ARG B 159 -11.64 -8.42 -11.57
CA ARG B 159 -12.85 -8.05 -10.82
C ARG B 159 -14.00 -9.05 -11.05
N GLU B 160 -14.35 -9.28 -12.32
CA GLU B 160 -15.58 -10.02 -12.66
C GLU B 160 -15.48 -11.50 -12.35
N MET B 161 -14.30 -12.08 -12.59
CA MET B 161 -14.15 -13.54 -12.53
C MET B 161 -13.34 -14.01 -11.36
N VAL B 162 -12.88 -13.08 -10.53
CA VAL B 162 -12.11 -13.42 -9.33
C VAL B 162 -12.61 -12.68 -8.09
N ALA B 163 -12.61 -11.34 -8.12
CA ALA B 163 -13.00 -10.57 -6.92
C ALA B 163 -14.43 -10.95 -6.54
N ILE B 164 -15.34 -10.86 -7.51
CA ILE B 164 -16.77 -11.09 -7.26
C ILE B 164 -17.07 -12.52 -6.73
N PRO B 165 -16.69 -13.55 -7.50
CA PRO B 165 -16.98 -14.90 -7.01
C PRO B 165 -16.30 -15.25 -5.69
N SER B 166 -15.13 -14.66 -5.40
CA SER B 166 -14.40 -14.88 -4.16
C SER B 166 -15.21 -14.42 -2.96
N ALA B 167 -15.97 -13.35 -3.14
CA ALA B 167 -16.78 -12.80 -2.07
C ALA B 167 -18.03 -13.61 -1.83
N HIS B 168 -18.59 -14.23 -2.89
CA HIS B 168 -19.67 -15.22 -2.72
C HIS B 168 -19.18 -16.44 -1.95
N LEU B 169 -17.97 -16.90 -2.28
CA LEU B 169 -17.41 -18.08 -1.62
C LEU B 169 -17.16 -17.78 -0.13
N ALA B 170 -16.68 -16.57 0.16
CA ALA B 170 -16.42 -16.16 1.57
C ALA B 170 -17.73 -16.01 2.37
N ALA B 171 -18.80 -15.64 1.66
CA ALA B 171 -20.15 -15.51 2.24
C ALA B 171 -20.83 -16.88 2.52
N GLY B 172 -20.25 -17.95 2.00
CA GLY B 172 -20.76 -19.30 2.27
C GLY B 172 -21.37 -20.02 1.08
N PHE B 173 -21.30 -19.41 -0.11
CA PHE B 173 -21.76 -20.06 -1.35
C PHE B 173 -21.03 -21.39 -1.50
N PRO B 174 -21.77 -22.50 -1.69
CA PRO B 174 -21.18 -23.85 -1.83
C PRO B 174 -20.20 -23.92 -3.02
N LEU B 175 -18.96 -24.33 -2.77
CA LEU B 175 -17.92 -24.41 -3.81
C LEU B 175 -18.35 -25.16 -5.06
N SER B 176 -18.95 -26.35 -4.88
CA SER B 176 -19.36 -27.22 -5.99
C SER B 176 -20.50 -26.65 -6.84
N GLU B 177 -21.02 -25.48 -6.46
CA GLU B 177 -22.13 -24.84 -7.18
C GLU B 177 -21.69 -23.70 -8.14
N VAL B 178 -20.39 -23.40 -8.17
CA VAL B 178 -19.88 -22.31 -9.02
C VAL B 178 -19.90 -22.71 -10.50
N GLY B 179 -19.90 -24.02 -10.74
CA GLY B 179 -19.87 -24.56 -12.06
C GLY B 179 -19.37 -25.98 -11.99
N ARG B 180 -19.11 -26.55 -13.14
CA ARG B 180 -18.82 -27.97 -13.27
C ARG B 180 -17.42 -28.36 -12.76
N PRO B 181 -17.29 -29.61 -12.26
CA PRO B 181 -15.99 -30.14 -11.82
C PRO B 181 -15.00 -30.18 -12.96
N LEU B 182 -13.75 -29.77 -12.69
CA LEU B 182 -12.68 -29.85 -13.69
C LEU B 182 -11.77 -31.03 -13.44
N GLU B 183 -11.52 -31.80 -14.52
CA GLU B 183 -10.57 -32.89 -14.50
C GLU B 183 -9.14 -32.34 -14.42
N ASP B 184 -8.21 -33.14 -13.89
CA ASP B 184 -6.85 -32.68 -13.60
C ASP B 184 -6.15 -32.06 -14.82
N HIS B 185 -6.32 -32.66 -15.98
CA HIS B 185 -5.64 -32.22 -17.21
C HIS B 185 -6.19 -30.89 -17.73
N GLU B 186 -7.33 -30.47 -17.18
CA GLU B 186 -7.99 -29.22 -17.58
C GLU B 186 -7.48 -28.02 -16.78
N ILE B 187 -6.68 -28.30 -15.74
CA ILE B 187 -6.05 -27.23 -14.98
C ILE B 187 -4.66 -26.94 -15.54
N VAL B 188 -4.57 -25.84 -16.29
CA VAL B 188 -3.33 -25.36 -16.90
C VAL B 188 -2.23 -25.25 -15.86
N ARG B 189 -1.04 -25.75 -16.23
CA ARG B 189 0.16 -25.63 -15.40
C ARG B 189 1.29 -25.04 -16.23
N PHE B 190 2.28 -24.48 -15.53
CA PHE B 190 3.57 -24.19 -16.15
C PHE B 190 4.60 -25.20 -15.65
N ASN B 191 5.69 -25.38 -16.40
CA ASN B 191 6.79 -26.24 -15.96
C ASN B 191 7.73 -25.40 -15.14
N ARG B 192 8.22 -25.96 -14.05
CA ARG B 192 9.21 -25.27 -13.24
C ARG B 192 10.60 -25.90 -13.41
N PRO B 193 11.65 -25.06 -13.40
CA PRO B 193 13.03 -25.51 -13.53
C PRO B 193 13.40 -26.57 -12.49
N ALA B 194 14.04 -27.64 -12.96
CA ALA B 194 14.54 -28.64 -12.04
C ALA B 194 15.99 -28.32 -11.66
N VAL B 195 16.26 -28.23 -10.36
CA VAL B 195 17.63 -28.20 -9.83
C VAL B 195 18.31 -29.50 -10.25
N GLU B 196 19.42 -29.39 -10.98
CA GLU B 196 20.14 -30.58 -11.46
C GLU B 196 21.26 -30.99 -10.52
N GLN B 197 21.44 -32.30 -10.36
CA GLN B 197 22.51 -32.85 -9.56
C GLN B 197 23.73 -33.06 -10.46
N ASP B 198 24.55 -32.03 -10.58
CA ASP B 198 25.70 -32.04 -11.50
C ASP B 198 27.04 -32.28 -10.78
N GLY B 199 27.56 -33.50 -10.88
CA GLY B 199 28.74 -33.89 -10.12
C GLY B 199 28.41 -33.93 -8.64
N GLU B 200 29.12 -33.15 -7.85
CA GLU B 200 28.76 -32.94 -6.45
C GLU B 200 28.17 -31.53 -6.23
N ALA B 201 28.05 -30.77 -7.32
CA ALA B 201 27.44 -29.45 -7.29
C ALA B 201 25.93 -29.51 -7.53
N LEU B 202 25.23 -28.47 -7.10
CA LEU B 202 23.80 -28.34 -7.39
C LEU B 202 23.56 -27.07 -8.20
N VAL B 203 22.93 -27.24 -9.37
CA VAL B 203 22.80 -26.17 -10.37
C VAL B 203 21.34 -25.73 -10.50
N GLY B 204 21.10 -24.46 -10.18
CA GLY B 204 19.79 -23.83 -10.31
C GLY B 204 19.94 -22.39 -10.77
N VAL B 205 18.98 -21.53 -10.40
CA VAL B 205 18.97 -20.13 -10.80
C VAL B 205 18.72 -19.19 -9.62
N VAL B 206 18.91 -17.90 -9.84
CA VAL B 206 18.36 -16.90 -8.95
C VAL B 206 16.88 -16.82 -9.26
N SER B 207 16.07 -17.22 -8.28
CA SER B 207 14.62 -17.21 -8.41
C SER B 207 14.02 -15.80 -8.27
N ALA B 208 14.59 -15.00 -7.36
CA ALA B 208 14.07 -13.65 -7.05
C ALA B 208 15.10 -12.73 -6.36
N ILE B 209 14.96 -11.41 -6.56
CA ILE B 209 15.62 -10.42 -5.69
C ILE B 209 14.67 -10.08 -4.55
N ASP B 210 15.16 -10.19 -3.31
CA ASP B 210 14.31 -9.95 -2.11
C ASP B 210 14.20 -8.45 -1.79
N HIS B 211 13.20 -7.81 -2.38
CA HIS B 211 12.97 -6.37 -2.18
C HIS B 211 12.32 -6.16 -0.81
N PRO B 212 12.64 -5.05 -0.12
CA PRO B 212 13.51 -3.92 -0.48
C PRO B 212 15.00 -4.05 -0.02
N PHE B 213 15.43 -5.23 0.40
CA PHE B 213 16.79 -5.40 0.96
C PHE B 213 17.87 -5.69 -0.09
N GLY B 214 17.48 -6.27 -1.22
CA GLY B 214 18.46 -6.68 -2.22
C GLY B 214 19.21 -7.96 -1.86
N ASN B 215 18.59 -8.78 -1.01
CA ASN B 215 19.02 -10.15 -0.77
C ASN B 215 18.80 -10.99 -2.02
N VAL B 216 19.58 -12.06 -2.20
CA VAL B 216 19.46 -12.91 -3.40
C VAL B 216 18.90 -14.29 -3.08
N TRP B 217 17.72 -14.60 -3.66
CA TRP B 217 17.08 -15.90 -3.46
C TRP B 217 17.30 -16.82 -4.65
N THR B 218 17.68 -18.07 -4.36
CA THR B 218 17.80 -19.10 -5.41
C THR B 218 16.67 -20.13 -5.31
N ASN B 219 16.52 -20.94 -6.36
CA ASN B 219 15.55 -22.03 -6.37
C ASN B 219 16.12 -23.35 -5.82
N ILE B 220 17.27 -23.27 -5.14
CA ILE B 220 17.88 -24.44 -4.49
C ILE B 220 17.32 -24.62 -3.08
N HIS B 221 16.40 -25.56 -2.94
CA HIS B 221 15.60 -25.73 -1.72
C HIS B 221 16.39 -26.48 -0.63
N ARG B 222 15.98 -26.36 0.63
CA ARG B 222 16.63 -27.07 1.74
C ARG B 222 16.72 -28.61 1.52
N THR B 223 15.64 -29.22 1.03
CA THR B 223 15.61 -30.66 0.77
C THR B 223 16.60 -31.06 -0.35
N ASP B 224 16.79 -30.18 -1.33
CA ASP B 224 17.84 -30.34 -2.37
C ASP B 224 19.24 -30.38 -1.74
N LEU B 225 19.46 -29.54 -0.72
CA LEU B 225 20.73 -29.50 0.00
C LEU B 225 21.02 -30.81 0.73
N GLU B 226 19.94 -31.44 1.22
CA GLU B 226 20.03 -32.71 1.94
C GLU B 226 20.23 -33.94 1.00
N LYS B 227 20.15 -33.69 -0.32
CA LYS B 227 20.59 -34.67 -1.33
C LYS B 227 22.11 -34.74 -1.35
N ALA B 228 22.74 -33.62 -1.00
CA ALA B 228 24.21 -33.54 -0.96
C ALA B 228 24.74 -33.55 0.46
N GLY B 229 23.84 -33.49 1.44
CA GLY B 229 24.19 -33.59 2.85
C GLY B 229 24.79 -32.31 3.43
N ILE B 230 24.22 -31.18 3.02
CA ILE B 230 24.71 -29.87 3.43
C ILE B 230 23.82 -29.27 4.53
N GLY B 231 24.41 -29.03 5.69
CA GLY B 231 23.72 -28.40 6.80
C GLY B 231 24.49 -27.19 7.34
N TYR B 232 23.89 -26.52 8.31
CA TYR B 232 24.50 -25.36 8.98
C TYR B 232 25.94 -25.63 9.45
N GLY B 233 26.87 -24.82 8.96
CA GLY B 233 28.28 -24.94 9.33
C GLY B 233 29.14 -25.40 8.16
N ALA B 234 28.48 -25.87 7.10
CA ALA B 234 29.19 -26.33 5.90
C ALA B 234 29.78 -25.16 5.11
N ARG B 235 31.10 -25.20 4.92
CA ARG B 235 31.80 -24.23 4.07
C ARG B 235 31.38 -24.43 2.61
N LEU B 236 30.70 -23.43 2.06
CA LEU B 236 30.16 -23.53 0.69
C LEU B 236 30.79 -22.56 -0.29
N ARG B 237 30.84 -22.97 -1.55
CA ARG B 237 31.02 -22.05 -2.66
C ARG B 237 29.70 -21.94 -3.41
N LEU B 238 29.14 -20.74 -3.38
CA LEU B 238 27.94 -20.42 -4.16
C LEU B 238 28.35 -19.45 -5.27
N THR B 239 28.32 -19.94 -6.50
CA THR B 239 28.70 -19.16 -7.67
C THR B 239 27.48 -18.59 -8.40
N LEU B 240 27.46 -17.27 -8.56
CA LEU B 240 26.37 -16.60 -9.28
C LEU B 240 26.83 -16.11 -10.65
N ASP B 241 25.90 -16.10 -11.60
CA ASP B 241 26.14 -15.51 -12.93
C ASP B 241 27.38 -16.11 -13.61
N GLY B 242 27.73 -17.34 -13.22
CA GLY B 242 28.85 -18.04 -13.84
C GLY B 242 30.25 -17.58 -13.42
N VAL B 243 30.35 -16.33 -12.97
CA VAL B 243 31.67 -15.71 -12.77
C VAL B 243 31.94 -15.21 -11.32
N LEU B 244 30.97 -15.35 -10.42
CA LEU B 244 31.09 -14.82 -9.05
C LEU B 244 31.08 -15.90 -7.94
N PRO B 245 32.28 -16.49 -7.63
CA PRO B 245 32.37 -17.56 -6.61
C PRO B 245 32.39 -17.06 -5.14
N PHE B 246 31.21 -16.79 -4.58
CA PHE B 246 31.09 -16.45 -3.15
C PHE B 246 31.43 -17.61 -2.25
N GLU B 247 32.03 -17.30 -1.12
CA GLU B 247 32.46 -18.30 -0.16
C GLU B 247 32.11 -17.88 1.28
N ALA B 248 31.35 -18.74 1.93
CA ALA B 248 30.93 -18.57 3.33
C ALA B 248 30.39 -19.90 3.85
N PRO B 249 30.42 -20.10 5.18
CA PRO B 249 29.66 -21.21 5.77
C PRO B 249 28.14 -20.99 5.64
N LEU B 250 27.38 -22.07 5.62
CA LEU B 250 25.94 -21.98 5.70
C LEU B 250 25.54 -21.70 7.13
N THR B 251 24.95 -20.54 7.37
CA THR B 251 24.56 -20.14 8.70
C THR B 251 23.08 -19.75 8.76
N PRO B 252 22.47 -19.84 9.96
CA PRO B 252 21.05 -19.50 10.19
C PRO B 252 20.63 -18.11 9.70
N THR B 253 21.50 -17.13 9.86
CA THR B 253 21.09 -15.74 9.69
C THR B 253 22.20 -14.79 9.24
N PHE B 254 21.84 -13.53 9.00
CA PHE B 254 22.75 -12.52 8.44
C PHE B 254 23.90 -12.13 9.38
N ALA B 255 23.58 -11.83 10.64
CA ALA B 255 24.57 -11.35 11.60
C ALA B 255 25.72 -12.35 11.85
N ASP B 256 25.49 -13.62 11.49
CA ASP B 256 26.52 -14.66 11.64
C ASP B 256 27.78 -14.39 10.83
N ALA B 257 27.67 -13.51 9.82
CA ALA B 257 28.81 -13.21 8.93
C ALA B 257 29.84 -12.25 9.55
N GLY B 258 29.51 -11.66 10.71
CA GLY B 258 30.45 -10.79 11.43
C GLY B 258 30.18 -9.31 11.20
N GLU B 259 31.17 -8.61 10.64
CA GLU B 259 31.03 -7.18 10.35
C GLU B 259 29.86 -6.91 9.41
N ILE B 260 29.24 -5.73 9.56
CA ILE B 260 28.28 -5.24 8.58
C ILE B 260 28.92 -5.24 7.15
N GLY B 261 28.17 -5.77 6.19
CA GLY B 261 28.66 -5.86 4.79
C GLY B 261 29.23 -7.22 4.37
N ASN B 262 29.55 -8.07 5.35
CA ASN B 262 30.11 -9.40 5.04
C ASN B 262 29.08 -10.33 4.41
N ILE B 263 29.51 -11.17 3.49
CA ILE B 263 28.63 -12.09 2.79
C ILE B 263 28.06 -13.16 3.74
N ALA B 264 26.73 -13.28 3.76
CA ALA B 264 26.09 -14.40 4.46
C ALA B 264 25.41 -15.35 3.47
N ILE B 265 25.68 -16.65 3.63
CA ILE B 265 24.95 -17.69 2.90
C ILE B 265 24.01 -18.41 3.89
N TYR B 266 22.72 -18.47 3.55
CA TYR B 266 21.69 -18.85 4.52
C TYR B 266 20.46 -19.51 3.88
N LEU B 267 19.58 -20.03 4.73
CA LEU B 267 18.24 -20.51 4.31
C LEU B 267 17.17 -19.46 4.62
N ASN B 268 16.49 -18.98 3.58
CA ASN B 268 15.48 -17.94 3.77
C ASN B 268 14.23 -18.46 4.48
N SER B 269 13.27 -17.58 4.74
CA SER B 269 12.07 -17.95 5.49
C SER B 269 11.12 -18.86 4.69
N ARG B 270 11.48 -19.13 3.44
CA ARG B 270 10.66 -19.98 2.57
C ARG B 270 11.31 -21.34 2.33
N GLY B 271 12.46 -21.58 2.99
CA GLY B 271 13.19 -22.86 2.91
C GLY B 271 14.24 -22.98 1.81
N TYR B 272 14.66 -21.87 1.22
CA TYR B 272 15.53 -21.88 0.05
C TYR B 272 16.93 -21.31 0.32
N LEU B 273 17.91 -21.85 -0.40
CA LEU B 273 19.28 -21.34 -0.31
C LEU B 273 19.32 -19.91 -0.84
N SER B 274 19.89 -19.03 -0.04
CA SER B 274 19.95 -17.61 -0.36
C SER B 274 21.35 -17.07 -0.08
N ILE B 275 21.62 -15.86 -0.54
CA ILE B 275 22.87 -15.13 -0.22
C ILE B 275 22.59 -13.61 -0.08
N ALA B 276 23.30 -13.00 0.85
CA ALA B 276 23.05 -11.64 1.27
C ALA B 276 24.34 -11.05 1.85
N ARG B 277 24.28 -9.78 2.22
CA ARG B 277 25.32 -9.15 3.04
C ARG B 277 24.71 -8.79 4.37
N ASN B 278 25.53 -8.72 5.42
CA ASN B 278 25.01 -8.40 6.73
C ASN B 278 24.67 -6.92 6.89
N ALA B 279 23.37 -6.61 6.98
CA ALA B 279 22.86 -5.22 7.08
C ALA B 279 23.40 -4.27 6.00
N ALA B 280 23.47 -4.80 4.78
CA ALA B 280 23.76 -4.05 3.57
C ALA B 280 23.17 -4.81 2.40
N SER B 281 23.02 -4.13 1.27
CA SER B 281 22.41 -4.73 0.08
C SER B 281 23.46 -5.40 -0.80
N LEU B 282 23.20 -6.66 -1.16
CA LEU B 282 24.07 -7.38 -2.11
C LEU B 282 23.67 -7.16 -3.61
N ALA B 283 22.37 -7.22 -3.93
CA ALA B 283 21.91 -7.21 -5.33
C ALA B 283 21.89 -5.81 -6.00
N TYR B 284 21.62 -4.77 -5.22
CA TYR B 284 21.39 -3.42 -5.78
C TYR B 284 22.66 -2.75 -6.31
N PRO B 285 23.76 -2.76 -5.53
CA PRO B 285 25.00 -2.08 -5.95
C PRO B 285 25.60 -2.68 -7.21
N TYR B 286 25.55 -4.00 -7.31
CA TYR B 286 26.15 -4.74 -8.42
C TYR B 286 25.14 -5.14 -9.48
N HIS B 287 23.89 -4.69 -9.31
CA HIS B 287 22.80 -4.92 -10.29
C HIS B 287 22.59 -6.40 -10.63
N LEU B 288 22.52 -7.23 -9.58
CA LEU B 288 22.24 -8.65 -9.75
C LEU B 288 20.76 -8.83 -9.98
N LYS B 289 20.40 -9.86 -10.76
CA LYS B 289 19.03 -10.04 -11.27
C LYS B 289 18.57 -11.50 -11.23
N GLU B 290 17.26 -11.70 -11.03
CA GLU B 290 16.67 -13.02 -11.15
C GLU B 290 16.87 -13.61 -12.56
N GLY B 291 17.03 -14.92 -12.65
CA GLY B 291 17.33 -15.58 -13.92
C GLY B 291 18.79 -15.97 -14.08
N MET B 292 19.69 -15.21 -13.41
CA MET B 292 21.13 -15.55 -13.34
C MET B 292 21.33 -16.93 -12.75
N SER B 293 22.44 -17.56 -13.11
CA SER B 293 22.76 -18.91 -12.66
C SER B 293 23.20 -18.95 -11.19
N ALA B 294 22.85 -20.04 -10.51
CA ALA B 294 23.28 -20.24 -9.14
C ALA B 294 23.76 -21.66 -8.94
N ARG B 295 25.03 -21.78 -8.54
CA ARG B 295 25.66 -23.09 -8.32
C ARG B 295 26.15 -23.14 -6.91
N VAL B 296 25.91 -24.26 -6.25
CA VAL B 296 26.39 -24.45 -4.90
C VAL B 296 27.14 -25.80 -4.77
N GLU B 297 28.14 -25.82 -3.89
CA GLU B 297 28.94 -27.00 -3.63
C GLU B 297 29.71 -26.80 -2.34
N ALA B 298 30.15 -27.89 -1.73
CA ALA B 298 30.78 -27.84 -0.41
C ALA B 298 32.30 -27.91 -0.52
N ARG C 8 -22.55 -1.12 9.77
CA ARG C 8 -21.30 -1.48 9.00
C ARG C 8 -20.85 -0.30 8.12
N PRO C 9 -20.44 0.83 8.74
CA PRO C 9 -20.11 2.03 7.99
C PRO C 9 -18.80 1.88 7.21
N ILE C 10 -18.73 2.46 6.02
CA ILE C 10 -17.49 2.44 5.26
C ILE C 10 -17.05 3.86 4.88
N ILE C 11 -15.75 4.11 5.01
CA ILE C 11 -15.12 5.27 4.42
C ILE C 11 -14.12 4.77 3.39
N ALA C 12 -14.34 5.14 2.13
CA ALA C 12 -13.35 4.92 1.08
C ALA C 12 -12.48 6.18 0.92
N PHE C 13 -11.17 6.01 1.05
CA PHE C 13 -10.23 7.12 1.28
C PHE C 13 -9.27 7.28 0.09
N MET C 14 -9.30 8.46 -0.54
CA MET C 14 -8.40 8.78 -1.69
C MET C 14 -7.70 10.08 -1.38
N SER C 15 -6.37 10.07 -1.44
CA SER C 15 -5.59 11.28 -1.18
C SER C 15 -4.31 11.36 -2.01
N ASP C 16 -3.58 12.46 -1.85
CA ASP C 16 -2.23 12.63 -2.47
C ASP C 16 -1.12 12.55 -1.41
N LEU C 17 -1.43 11.93 -0.27
CA LEU C 17 -0.48 11.85 0.84
C LEU C 17 0.63 10.79 0.69
N GLY C 18 0.43 9.86 -0.23
CA GLY C 18 1.37 8.77 -0.44
C GLY C 18 1.36 7.72 0.66
N THR C 19 2.25 6.74 0.53
CA THR C 19 2.34 5.70 1.57
C THR C 19 3.76 5.48 2.09
N THR C 20 4.57 6.54 2.11
CA THR C 20 5.95 6.45 2.54
C THR C 20 6.23 7.05 3.92
N ASP C 21 5.19 7.60 4.56
CA ASP C 21 5.27 7.93 5.98
C ASP C 21 3.92 7.67 6.67
N ASP C 22 3.73 8.24 7.85
CA ASP C 22 2.57 7.94 8.70
C ASP C 22 1.38 8.89 8.50
N SER C 23 1.43 9.75 7.47
CA SER C 23 0.37 10.72 7.18
C SER C 23 -1.03 10.08 7.04
N VAL C 24 -1.13 9.01 6.25
CA VAL C 24 -2.37 8.27 6.08
C VAL C 24 -2.82 7.55 7.37
N ALA C 25 -1.86 6.94 8.08
CA ALA C 25 -2.15 6.33 9.39
C ALA C 25 -2.70 7.30 10.43
N GLN C 26 -2.22 8.54 10.45
CA GLN C 26 -2.79 9.55 11.35
C GLN C 26 -4.27 9.78 11.10
N CYS C 27 -4.64 9.87 9.81
CA CYS C 27 -6.04 10.04 9.38
C CYS C 27 -6.92 8.84 9.76
N LYS C 28 -6.41 7.63 9.52
CA LYS C 28 -7.10 6.38 9.85
C LYS C 28 -7.30 6.20 11.34
N GLY C 29 -6.24 6.47 12.11
CA GLY C 29 -6.33 6.52 13.57
C GLY C 29 -7.50 7.35 14.05
N LEU C 30 -7.64 8.56 13.50
CA LEU C 30 -8.77 9.46 13.87
C LEU C 30 -10.13 8.98 13.38
N MET C 31 -10.15 8.31 12.22
CA MET C 31 -11.38 7.67 11.72
C MET C 31 -11.94 6.62 12.69
N TYR C 32 -11.07 5.72 13.15
CA TYR C 32 -11.44 4.70 14.16
C TYR C 32 -11.81 5.29 15.51
N SER C 33 -11.12 6.36 15.92
CA SER C 33 -11.48 7.07 17.16
C SER C 33 -12.91 7.59 17.12
N ILE C 34 -13.31 8.14 15.97
CA ILE C 34 -14.60 8.81 15.81
C ILE C 34 -15.74 7.83 15.52
N CYS C 35 -15.45 6.83 14.72
CA CYS C 35 -16.43 5.83 14.31
C CYS C 35 -15.89 4.43 14.61
N PRO C 36 -16.00 3.97 15.88
CA PRO C 36 -15.33 2.73 16.31
C PRO C 36 -15.52 1.53 15.37
N ASP C 37 -16.74 1.39 14.82
CA ASP C 37 -17.11 0.25 13.93
C ASP C 37 -16.81 0.42 12.42
N VAL C 38 -16.02 1.43 12.07
CA VAL C 38 -15.79 1.75 10.66
C VAL C 38 -14.85 0.75 9.96
N THR C 39 -15.07 0.58 8.67
CA THR C 39 -14.09 -0.04 7.78
C THR C 39 -13.53 1.04 6.85
N VAL C 40 -12.23 1.27 6.95
CA VAL C 40 -11.55 2.18 6.00
C VAL C 40 -10.99 1.36 4.83
N VAL C 41 -11.40 1.72 3.61
CA VAL C 41 -10.91 1.15 2.37
C VAL C 41 -10.02 2.21 1.69
N ASP C 42 -8.79 1.84 1.37
CA ASP C 42 -7.93 2.71 0.58
C ASP C 42 -8.36 2.65 -0.87
N VAL C 43 -8.52 3.81 -1.47
CA VAL C 43 -8.71 3.86 -2.89
C VAL C 43 -7.30 3.85 -3.53
N CYS C 44 -6.61 4.98 -3.46
CA CYS C 44 -5.15 5.06 -3.69
C CYS C 44 -4.69 6.37 -3.10
N HIS C 45 -3.38 6.53 -2.91
CA HIS C 45 -2.82 7.69 -2.25
C HIS C 45 -1.61 8.15 -3.03
N SER C 46 -1.58 7.72 -4.30
CA SER C 46 -0.45 7.84 -5.21
C SER C 46 -0.59 8.98 -6.20
N MET C 47 -1.77 9.61 -6.23
CA MET C 47 -2.05 10.62 -7.27
C MET C 47 -1.02 11.75 -7.34
N THR C 48 -0.75 12.24 -8.55
CA THR C 48 0.16 13.34 -8.73
C THR C 48 -0.34 14.49 -7.86
N PRO C 49 0.46 14.92 -6.87
CA PRO C 49 0.02 15.97 -5.97
C PRO C 49 -0.55 17.19 -6.70
N TRP C 50 -1.75 17.60 -6.30
CA TRP C 50 -2.37 18.87 -6.74
C TRP C 50 -2.95 18.81 -8.17
N ASP C 51 -2.98 17.60 -8.74
CA ASP C 51 -3.60 17.41 -10.04
C ASP C 51 -5.08 17.08 -9.82
N VAL C 52 -5.93 18.09 -9.81
CA VAL C 52 -7.36 17.89 -9.52
C VAL C 52 -8.09 17.01 -10.54
N GLU C 53 -7.74 17.11 -11.82
CA GLU C 53 -8.35 16.25 -12.86
C GLU C 53 -7.98 14.76 -12.72
N GLU C 54 -6.73 14.51 -12.33
CA GLU C 54 -6.26 13.14 -12.05
C GLU C 54 -6.98 12.50 -10.86
N GLY C 55 -7.00 13.18 -9.72
CA GLY C 55 -7.72 12.66 -8.53
C GLY C 55 -9.20 12.42 -8.81
N ALA C 56 -9.80 13.30 -9.63
CA ALA C 56 -11.19 13.18 -10.05
C ALA C 56 -11.45 11.88 -10.79
N ARG C 57 -10.50 11.46 -11.64
CA ARG C 57 -10.59 10.20 -12.43
C ARG C 57 -10.68 8.95 -11.53
N TYR C 58 -10.05 9.03 -10.37
CA TYR C 58 -9.92 7.88 -9.46
C TYR C 58 -11.16 7.73 -8.56
N ILE C 59 -12.03 8.73 -8.54
CA ILE C 59 -13.19 8.73 -7.62
C ILE C 59 -14.56 8.75 -8.32
N VAL C 60 -14.58 9.12 -9.60
CA VAL C 60 -15.82 9.41 -10.30
C VAL C 60 -16.79 8.23 -10.45
N ASP C 61 -16.25 7.01 -10.59
CA ASP C 61 -17.11 5.84 -10.80
C ASP C 61 -17.14 4.85 -9.64
N LEU C 62 -16.80 5.32 -8.44
CA LEU C 62 -16.74 4.47 -7.25
C LEU C 62 -18.10 3.99 -6.67
N PRO C 63 -19.12 4.89 -6.60
CA PRO C 63 -20.37 4.57 -5.87
C PRO C 63 -20.97 3.22 -6.21
N ARG C 64 -21.15 2.92 -7.51
CA ARG C 64 -21.85 1.70 -7.88
C ARG C 64 -21.21 0.41 -7.31
N PHE C 65 -19.91 0.48 -6.98
CA PHE C 65 -19.15 -0.65 -6.43
C PHE C 65 -19.28 -0.86 -4.94
N PHE C 66 -19.67 0.20 -4.22
CA PHE C 66 -19.75 0.18 -2.75
C PHE C 66 -21.15 0.01 -2.19
N PRO C 67 -21.25 -0.53 -0.94
CA PRO C 67 -22.54 -0.59 -0.28
C PRO C 67 -23.15 0.80 -0.08
N GLU C 68 -24.48 0.88 -0.14
CA GLU C 68 -25.16 2.15 0.15
C GLU C 68 -24.75 2.67 1.53
N GLY C 69 -24.66 3.99 1.67
CA GLY C 69 -24.21 4.61 2.92
C GLY C 69 -22.70 4.84 3.04
N THR C 70 -21.94 4.45 2.01
CA THR C 70 -20.49 4.72 2.00
C THR C 70 -20.19 6.22 1.88
N VAL C 71 -19.21 6.67 2.67
CA VAL C 71 -18.69 8.03 2.60
C VAL C 71 -17.34 8.02 1.91
N PHE C 72 -17.24 8.79 0.84
CA PHE C 72 -15.99 8.92 0.10
C PHE C 72 -15.22 10.16 0.58
N ALA C 73 -14.10 9.92 1.26
CA ALA C 73 -13.19 11.01 1.67
C ALA C 73 -12.04 11.17 0.64
N THR C 74 -12.09 12.27 -0.11
CA THR C 74 -11.30 12.42 -1.34
C THR C 74 -10.59 13.75 -1.31
N THR C 75 -9.26 13.75 -1.32
CA THR C 75 -8.54 15.01 -1.09
C THR C 75 -7.14 15.19 -1.69
N THR C 76 -7.00 16.27 -2.46
CA THR C 76 -5.73 16.97 -2.61
C THR C 76 -6.00 18.42 -2.22
N TYR C 77 -5.20 18.94 -1.31
CA TYR C 77 -5.51 20.19 -0.64
C TYR C 77 -4.36 21.22 -0.70
N PRO C 78 -3.98 21.68 -1.91
CA PRO C 78 -2.93 22.71 -2.02
C PRO C 78 -3.28 24.09 -1.35
N ALA C 79 -4.57 24.31 -1.07
CA ALA C 79 -5.03 25.52 -0.38
C ALA C 79 -5.19 25.31 1.13
N THR C 80 -4.55 24.24 1.64
CA THR C 80 -4.52 23.93 3.08
C THR C 80 -4.07 25.13 3.92
N GLY C 81 -4.74 25.36 5.05
CA GLY C 81 -4.33 26.39 6.01
C GLY C 81 -4.84 27.79 5.70
N THR C 82 -5.56 27.93 4.59
CA THR C 82 -6.20 29.19 4.22
C THR C 82 -7.64 29.25 4.77
N THR C 83 -8.43 30.25 4.35
CA THR C 83 -9.80 30.44 4.85
C THR C 83 -10.78 29.47 4.19
N THR C 84 -10.26 28.68 3.25
CA THR C 84 -11.09 27.73 2.54
C THR C 84 -11.71 26.68 3.46
N ARG C 85 -12.94 26.28 3.15
CA ARG C 85 -13.57 25.17 3.83
C ARG C 85 -14.03 24.09 2.85
N SER C 86 -14.02 22.84 3.29
CA SER C 86 -14.42 21.70 2.46
C SER C 86 -15.91 21.73 2.10
N VAL C 87 -16.27 21.06 1.00
CA VAL C 87 -17.65 20.84 0.61
C VAL C 87 -18.03 19.37 0.88
N ALA C 88 -19.23 19.16 1.43
CA ALA C 88 -19.78 17.80 1.59
C ALA C 88 -21.12 17.70 0.87
N VAL C 89 -21.22 16.73 -0.07
CA VAL C 89 -22.39 16.57 -0.95
C VAL C 89 -22.97 15.16 -0.87
N ARG C 90 -24.30 15.05 -0.90
CA ARG C 90 -24.94 13.78 -1.17
C ARG C 90 -25.28 13.68 -2.66
N ILE C 91 -24.78 12.63 -3.30
CA ILE C 91 -25.01 12.43 -4.74
C ILE C 91 -26.38 11.80 -4.95
N LYS C 92 -26.90 11.94 -6.17
CA LYS C 92 -28.23 11.42 -6.48
C LYS C 92 -28.16 10.00 -7.05
N GLN C 93 -27.92 9.92 -8.35
CA GLN C 93 -27.91 8.67 -9.09
C GLN C 93 -26.53 8.00 -8.97
N ALA C 94 -26.51 6.75 -8.51
CA ALA C 94 -25.24 6.01 -8.35
C ALA C 94 -24.65 5.70 -9.70
N ALA C 95 -25.52 5.47 -10.68
CA ALA C 95 -25.19 5.56 -12.12
C ALA C 95 -24.39 4.40 -12.67
N LYS C 96 -24.97 3.75 -13.67
CA LYS C 96 -24.35 2.67 -14.43
C LYS C 96 -22.87 2.94 -14.81
N GLN C 102 -23.95 0.01 -16.95
CA GLN C 102 -24.68 -1.07 -16.28
C GLN C 102 -24.46 -1.01 -14.76
N TRP C 103 -25.16 -1.87 -14.03
CA TRP C 103 -24.89 -2.02 -12.61
C TRP C 103 -23.74 -3.02 -12.40
N ALA C 104 -22.95 -2.82 -11.35
CA ALA C 104 -21.80 -3.73 -11.06
C ALA C 104 -22.18 -4.93 -10.16
N GLY C 105 -21.50 -6.06 -10.37
CA GLY C 105 -21.70 -7.26 -9.53
C GLY C 105 -22.16 -8.48 -10.29
N SER C 106 -22.36 -9.57 -9.56
CA SER C 106 -22.86 -10.84 -10.11
C SER C 106 -24.31 -10.71 -10.63
N GLY C 107 -24.73 -11.68 -11.44
CA GLY C 107 -26.08 -11.66 -12.04
C GLY C 107 -26.26 -10.46 -12.95
N ALA C 108 -27.38 -9.76 -12.81
CA ALA C 108 -27.64 -8.52 -13.55
C ALA C 108 -27.04 -7.32 -12.83
N GLY C 109 -26.27 -7.58 -11.77
CA GLY C 109 -25.62 -6.52 -10.99
C GLY C 109 -26.47 -6.06 -9.82
N PHE C 110 -25.89 -5.19 -8.98
CA PHE C 110 -26.60 -4.68 -7.80
C PHE C 110 -27.07 -3.24 -8.06
N GLU C 111 -28.38 -3.01 -8.04
CA GLU C 111 -28.89 -1.64 -8.18
C GLU C 111 -28.66 -0.85 -6.88
N ARG C 112 -28.33 0.42 -7.00
CA ARG C 112 -28.15 1.27 -5.81
C ARG C 112 -29.19 2.39 -5.72
N ALA C 113 -29.89 2.47 -4.59
CA ALA C 113 -30.88 3.52 -4.38
C ALA C 113 -30.25 4.91 -4.58
N GLU C 114 -31.07 5.88 -4.99
CA GLU C 114 -30.60 7.27 -5.11
C GLU C 114 -30.32 7.89 -3.73
N GLY C 115 -29.50 8.94 -3.70
CA GLY C 115 -29.12 9.63 -2.46
C GLY C 115 -28.44 8.76 -1.41
N SER C 116 -27.64 7.79 -1.87
CA SER C 116 -27.09 6.77 -0.99
C SER C 116 -25.60 6.97 -0.65
N TYR C 117 -24.99 8.00 -1.21
CA TYR C 117 -23.54 8.25 -1.01
C TYR C 117 -23.22 9.72 -0.76
N ILE C 118 -22.23 9.97 0.09
CA ILE C 118 -21.75 11.31 0.41
C ILE C 118 -20.29 11.40 -0.03
N TYR C 119 -19.94 12.48 -0.73
CA TYR C 119 -18.52 12.83 -0.92
C TYR C 119 -18.20 14.03 -0.05
N ILE C 120 -17.02 14.00 0.57
CA ILE C 120 -16.47 15.18 1.25
C ILE C 120 -15.04 15.48 0.75
N ALA C 121 -14.82 16.71 0.31
CA ALA C 121 -13.60 17.08 -0.46
C ALA C 121 -13.33 18.55 -0.28
N PRO C 122 -12.07 18.97 -0.55
CA PRO C 122 -11.81 20.40 -0.66
C PRO C 122 -12.73 20.98 -1.73
N ASN C 123 -13.16 22.22 -1.54
CA ASN C 123 -13.91 22.92 -2.56
C ASN C 123 -12.96 23.58 -3.58
N ASN C 124 -12.39 22.74 -4.43
CA ASN C 124 -11.36 23.16 -5.39
C ASN C 124 -11.54 22.56 -6.78
N GLY C 125 -12.72 21.98 -7.02
CA GLY C 125 -12.99 21.34 -8.30
C GLY C 125 -12.79 19.84 -8.35
N LEU C 126 -12.19 19.25 -7.31
CA LEU C 126 -11.96 17.78 -7.28
C LEU C 126 -13.21 16.96 -7.57
N LEU C 127 -14.38 17.49 -7.20
CA LEU C 127 -15.64 16.78 -7.37
C LEU C 127 -16.37 17.09 -8.68
N THR C 128 -15.69 17.75 -9.62
CA THR C 128 -16.35 18.26 -10.83
C THR C 128 -17.10 17.17 -11.60
N THR C 129 -16.39 16.08 -11.90
CA THR C 129 -16.97 15.01 -12.73
C THR C 129 -17.97 14.14 -11.96
N VAL C 130 -17.74 13.98 -10.65
CA VAL C 130 -18.70 13.29 -9.77
C VAL C 130 -20.09 13.94 -9.85
N LEU C 131 -20.11 15.28 -9.81
CA LEU C 131 -21.37 16.04 -9.88
C LEU C 131 -22.03 16.01 -11.26
N GLU C 132 -21.22 16.04 -12.32
CA GLU C 132 -21.72 15.94 -13.68
C GLU C 132 -22.36 14.58 -13.95
N GLU C 133 -21.72 13.53 -13.49
CA GLU C 133 -22.16 12.18 -13.82
C GLU C 133 -23.30 11.69 -12.93
N HIS C 134 -23.25 12.07 -11.64
CA HIS C 134 -24.19 11.57 -10.64
C HIS C 134 -25.25 12.58 -10.22
N GLY C 135 -24.93 13.86 -10.28
CA GLY C 135 -25.80 14.90 -9.74
C GLY C 135 -25.76 14.90 -8.23
N TYR C 136 -26.43 15.87 -7.61
CA TYR C 136 -26.52 15.92 -6.14
C TYR C 136 -27.89 16.41 -5.62
N LEU C 137 -28.17 16.07 -4.36
CA LEU C 137 -29.42 16.39 -3.71
C LEU C 137 -29.22 17.50 -2.70
N GLU C 138 -28.00 17.61 -2.16
CA GLU C 138 -27.68 18.63 -1.15
C GLU C 138 -26.17 18.82 -1.01
N ALA C 139 -25.75 20.07 -0.80
CA ALA C 139 -24.32 20.44 -0.70
C ALA C 139 -24.10 21.42 0.45
N TYR C 140 -23.10 21.16 1.30
CA TYR C 140 -22.87 22.01 2.45
C TYR C 140 -21.39 22.36 2.65
N GLU C 141 -21.14 23.50 3.27
CA GLU C 141 -19.80 23.85 3.73
C GLU C 141 -19.51 23.14 5.05
N VAL C 142 -18.27 22.69 5.22
CA VAL C 142 -17.86 22.01 6.44
C VAL C 142 -17.18 23.03 7.39
N THR C 143 -17.97 23.54 8.33
CA THR C 143 -17.54 24.60 9.26
C THR C 143 -17.76 24.26 10.76
N SER C 144 -18.66 23.33 11.04
CA SER C 144 -19.02 23.04 12.44
C SER C 144 -17.86 22.46 13.25
N PRO C 145 -17.58 23.02 14.44
CA PRO C 145 -16.54 22.48 15.30
C PRO C 145 -16.93 21.12 15.91
N LYS C 146 -18.18 20.70 15.66
CA LYS C 146 -18.60 19.33 15.95
C LYS C 146 -17.87 18.33 15.06
N VAL C 147 -17.47 18.78 13.85
CA VAL C 147 -16.92 17.87 12.84
C VAL C 147 -15.53 18.22 12.33
N ILE C 148 -15.01 19.38 12.69
CA ILE C 148 -13.60 19.76 12.37
C ILE C 148 -12.91 20.35 13.61
N PRO C 149 -11.55 20.36 13.63
CA PRO C 149 -10.85 20.96 14.76
C PRO C 149 -11.12 22.45 14.89
N GLU C 150 -11.14 22.93 16.14
CA GLU C 150 -11.19 24.35 16.43
C GLU C 150 -9.85 25.03 16.08
N GLN C 151 -8.74 24.34 16.34
CA GLN C 151 -7.38 24.80 15.95
C GLN C 151 -6.81 23.85 14.90
N PRO C 152 -7.20 24.03 13.61
CA PRO C 152 -6.80 23.12 12.56
C PRO C 152 -5.32 23.29 12.18
N GLU C 153 -4.60 22.18 12.11
CA GLU C 153 -3.20 22.19 11.71
C GLU C 153 -3.07 22.79 10.32
N PRO C 154 -2.37 23.94 10.22
CA PRO C 154 -2.36 24.69 8.94
C PRO C 154 -1.92 23.85 7.73
N THR C 155 -0.96 22.95 7.91
CA THR C 155 -0.44 22.20 6.76
C THR C 155 -1.08 20.83 6.51
N PHE C 156 -2.20 20.53 7.20
CA PHE C 156 -2.75 19.19 7.10
C PHE C 156 -4.28 19.17 7.04
N TYR C 157 -4.85 19.94 6.10
CA TYR C 157 -6.31 20.04 5.91
C TYR C 157 -6.90 18.76 5.28
N SER C 158 -6.09 18.00 4.55
CA SER C 158 -6.50 16.64 4.18
C SER C 158 -6.91 15.80 5.42
N ARG C 159 -6.25 16.05 6.56
CA ARG C 159 -6.60 15.39 7.82
C ARG C 159 -7.75 16.13 8.54
N GLU C 160 -7.57 17.44 8.76
CA GLU C 160 -8.51 18.23 9.56
C GLU C 160 -9.87 18.43 8.89
N MET C 161 -9.86 18.69 7.58
CA MET C 161 -11.05 19.15 6.87
C MET C 161 -11.67 18.07 5.95
N VAL C 162 -11.06 16.88 5.95
CA VAL C 162 -11.61 15.77 5.17
C VAL C 162 -11.71 14.50 6.03
N ALA C 163 -10.57 13.97 6.48
CA ALA C 163 -10.53 12.72 7.27
C ALA C 163 -11.42 12.72 8.53
N ILE C 164 -11.25 13.74 9.35
CA ILE C 164 -12.04 13.90 10.59
C ILE C 164 -13.56 14.03 10.33
N PRO C 165 -13.97 15.02 9.49
CA PRO C 165 -15.43 15.12 9.28
C PRO C 165 -16.07 13.95 8.52
N SER C 166 -15.30 13.26 7.65
CA SER C 166 -15.84 12.09 6.95
C SER C 166 -16.25 11.00 7.92
N ALA C 167 -15.47 10.84 8.99
CA ALA C 167 -15.70 9.82 10.01
C ALA C 167 -16.89 10.13 10.93
N HIS C 168 -17.15 11.42 11.17
CA HIS C 168 -18.37 11.85 11.86
C HIS C 168 -19.61 11.53 10.99
N LEU C 169 -19.47 11.75 9.68
CA LEU C 169 -20.55 11.45 8.74
C LEU C 169 -20.81 9.94 8.61
N ALA C 170 -19.73 9.16 8.63
CA ALA C 170 -19.85 7.70 8.66
C ALA C 170 -20.58 7.19 9.91
N ALA C 171 -20.41 7.91 11.03
CA ALA C 171 -20.97 7.50 12.31
C ALA C 171 -22.43 7.97 12.49
N GLY C 172 -22.95 8.67 11.48
CA GLY C 172 -24.32 9.12 11.50
C GLY C 172 -24.52 10.57 11.90
N PHE C 173 -23.45 11.36 11.98
CA PHE C 173 -23.63 12.80 12.19
C PHE C 173 -24.43 13.35 10.98
N PRO C 174 -25.58 14.06 11.24
CA PRO C 174 -26.42 14.54 10.12
C PRO C 174 -25.72 15.51 9.13
N LEU C 175 -25.81 15.20 7.84
CA LEU C 175 -25.14 15.96 6.78
C LEU C 175 -25.41 17.48 6.85
N SER C 176 -26.67 17.85 7.09
CA SER C 176 -27.09 19.25 7.04
C SER C 176 -26.61 20.09 8.23
N GLU C 177 -25.96 19.44 9.19
CA GLU C 177 -25.46 20.14 10.38
C GLU C 177 -23.94 20.46 10.35
N VAL C 178 -23.28 20.17 9.23
CA VAL C 178 -21.84 20.46 9.11
C VAL C 178 -21.55 21.93 8.87
N GLY C 179 -22.55 22.65 8.34
CA GLY C 179 -22.44 24.06 8.03
C GLY C 179 -23.55 24.45 7.08
N ARG C 180 -23.44 25.65 6.53
CA ARG C 180 -24.51 26.23 5.72
C ARG C 180 -24.60 25.57 4.34
N PRO C 181 -25.82 25.55 3.76
CA PRO C 181 -26.01 25.06 2.38
C PRO C 181 -25.23 25.91 1.38
N LEU C 182 -24.63 25.26 0.40
CA LEU C 182 -23.96 25.95 -0.70
C LEU C 182 -24.85 25.96 -1.94
N GLU C 183 -24.93 27.10 -2.62
CA GLU C 183 -25.59 27.17 -3.92
C GLU C 183 -24.62 26.67 -5.00
N ASP C 184 -25.17 26.18 -6.11
CA ASP C 184 -24.39 25.53 -7.15
C ASP C 184 -23.16 26.32 -7.62
N HIS C 185 -23.33 27.63 -7.79
CA HIS C 185 -22.23 28.49 -8.26
C HIS C 185 -21.06 28.57 -7.25
N GLU C 186 -21.33 28.30 -5.98
CA GLU C 186 -20.29 28.30 -4.95
C GLU C 186 -19.42 27.06 -5.01
N ILE C 187 -19.87 26.06 -5.76
CA ILE C 187 -19.13 24.80 -5.89
C ILE C 187 -18.21 24.91 -7.10
N VAL C 188 -16.90 24.94 -6.85
CA VAL C 188 -15.90 25.18 -7.90
C VAL C 188 -15.79 23.98 -8.87
N ARG C 189 -15.73 24.28 -10.17
CA ARG C 189 -15.57 23.26 -11.20
C ARG C 189 -14.36 23.51 -12.09
N PHE C 190 -13.71 22.44 -12.55
CA PHE C 190 -12.73 22.59 -13.61
C PHE C 190 -13.36 22.48 -14.99
N ASN C 191 -12.80 23.25 -15.90
CA ASN C 191 -13.03 23.14 -17.32
C ASN C 191 -12.40 21.84 -17.82
N ARG C 192 -13.15 21.06 -18.58
CA ARG C 192 -12.58 19.86 -19.20
C ARG C 192 -12.28 20.08 -20.67
N PRO C 193 -11.09 19.63 -21.12
CA PRO C 193 -10.66 19.88 -22.49
C PRO C 193 -11.62 19.19 -23.48
N ALA C 194 -12.02 19.93 -24.51
CA ALA C 194 -12.97 19.40 -25.49
C ALA C 194 -12.28 18.54 -26.54
N VAL C 195 -13.00 17.54 -27.05
CA VAL C 195 -12.56 16.78 -28.22
C VAL C 195 -12.97 17.55 -29.46
N GLU C 196 -11.97 18.00 -30.21
CA GLU C 196 -12.16 18.86 -31.37
C GLU C 196 -12.05 18.09 -32.69
N GLN C 197 -12.22 18.80 -33.80
CA GLN C 197 -12.26 18.19 -35.13
C GLN C 197 -11.32 18.90 -36.11
N ASP C 198 -10.65 18.13 -36.97
CA ASP C 198 -9.90 18.70 -38.11
C ASP C 198 -9.91 17.73 -39.30
N GLY C 199 -10.74 18.05 -40.29
CA GLY C 199 -11.08 17.10 -41.33
C GLY C 199 -12.02 16.07 -40.73
N GLU C 200 -11.79 14.80 -41.03
CA GLU C 200 -12.58 13.70 -40.44
C GLU C 200 -11.82 13.00 -39.31
N ALA C 201 -10.62 13.48 -39.02
CA ALA C 201 -9.89 13.06 -37.80
C ALA C 201 -10.43 13.77 -36.56
N LEU C 202 -10.57 13.01 -35.48
CA LEU C 202 -10.89 13.56 -34.16
C LEU C 202 -9.61 13.79 -33.35
N VAL C 203 -9.48 14.98 -32.78
CA VAL C 203 -8.28 15.34 -32.02
C VAL C 203 -8.58 15.49 -30.52
N GLY C 204 -7.81 14.79 -29.70
CA GLY C 204 -7.92 14.89 -28.26
C GLY C 204 -6.55 14.78 -27.61
N VAL C 205 -6.53 14.21 -26.41
CA VAL C 205 -5.31 13.99 -25.66
C VAL C 205 -5.27 12.58 -25.07
N VAL C 206 -4.10 12.19 -24.57
CA VAL C 206 -3.96 11.05 -23.71
C VAL C 206 -4.34 11.54 -22.31
N SER C 207 -5.40 10.98 -21.75
CA SER C 207 -5.86 11.42 -20.44
C SER C 207 -5.20 10.65 -19.31
N ALA C 208 -4.61 9.50 -19.62
CA ALA C 208 -3.89 8.70 -18.60
C ALA C 208 -3.11 7.54 -19.21
N ILE C 209 -1.98 7.22 -18.58
CA ILE C 209 -1.31 5.93 -18.77
C ILE C 209 -1.85 5.00 -17.69
N ASP C 210 -2.22 3.78 -18.08
CA ASP C 210 -2.82 2.84 -17.17
C ASP C 210 -1.75 1.95 -16.53
N HIS C 211 -1.20 2.42 -15.41
CA HIS C 211 -0.19 1.67 -14.66
C HIS C 211 -0.90 0.52 -13.94
N PRO C 212 -0.23 -0.65 -13.86
CA PRO C 212 1.17 -0.88 -14.26
C PRO C 212 1.33 -1.52 -15.63
N PHE C 213 0.27 -1.51 -16.44
CA PHE C 213 0.27 -2.26 -17.70
C PHE C 213 0.83 -1.47 -18.86
N GLY C 214 0.80 -0.14 -18.76
CA GLY C 214 1.31 0.73 -19.82
C GLY C 214 0.30 0.87 -20.96
N ASN C 215 -0.98 0.68 -20.66
CA ASN C 215 -2.02 0.94 -21.67
C ASN C 215 -2.24 2.45 -21.80
N VAL C 216 -2.70 2.90 -22.95
CA VAL C 216 -2.89 4.32 -23.19
C VAL C 216 -4.37 4.60 -23.28
N TRP C 217 -4.84 5.55 -22.46
CA TRP C 217 -6.24 5.96 -22.42
C TRP C 217 -6.40 7.39 -22.95
N THR C 218 -7.28 7.58 -23.94
CA THR C 218 -7.54 8.91 -24.53
C THR C 218 -8.86 9.50 -24.00
N ASN C 219 -9.04 10.81 -24.20
CA ASN C 219 -10.31 11.47 -23.87
C ASN C 219 -11.36 11.41 -24.99
N ILE C 220 -11.04 10.70 -26.08
CA ILE C 220 -11.99 10.48 -27.18
C ILE C 220 -12.97 9.36 -26.79
N HIS C 221 -14.24 9.74 -26.57
CA HIS C 221 -15.24 8.82 -26.02
C HIS C 221 -16.03 8.03 -27.08
N ARG C 222 -16.55 6.87 -26.68
CA ARG C 222 -17.54 6.09 -27.45
C ARG C 222 -18.48 7.01 -28.25
N THR C 223 -19.03 8.02 -27.58
CA THR C 223 -19.99 8.96 -28.18
C THR C 223 -19.38 9.84 -29.27
N ASP C 224 -18.15 10.31 -29.03
CA ASP C 224 -17.42 11.09 -30.04
C ASP C 224 -17.19 10.24 -31.30
N LEU C 225 -16.90 8.95 -31.08
CA LEU C 225 -16.64 7.98 -32.17
C LEU C 225 -17.88 7.70 -33.03
N GLU C 226 -18.91 7.08 -32.42
CA GLU C 226 -20.14 6.70 -33.17
C GLU C 226 -20.81 7.88 -33.91
N LYS C 227 -20.69 9.08 -33.33
CA LYS C 227 -21.13 10.32 -34.01
C LYS C 227 -20.32 10.61 -35.28
N ALA C 228 -19.04 10.21 -35.28
CA ALA C 228 -18.18 10.34 -36.47
C ALA C 228 -18.20 9.08 -37.35
N GLY C 229 -18.96 8.06 -36.92
CA GLY C 229 -19.22 6.87 -37.74
C GLY C 229 -18.28 5.71 -37.52
N ILE C 230 -17.98 5.42 -36.25
CA ILE C 230 -17.00 4.38 -35.92
C ILE C 230 -17.58 3.41 -34.88
N GLY C 231 -17.62 2.12 -35.26
CA GLY C 231 -18.05 1.04 -34.35
C GLY C 231 -17.02 -0.07 -34.22
N TYR C 232 -17.36 -1.12 -33.47
CA TYR C 232 -16.42 -2.20 -33.09
C TYR C 232 -15.68 -2.97 -34.20
N GLY C 233 -15.90 -2.63 -35.45
CA GLY C 233 -15.17 -3.32 -36.53
C GLY C 233 -14.18 -2.44 -37.24
N ALA C 234 -14.27 -1.14 -37.00
CA ALA C 234 -13.61 -0.13 -37.82
C ALA C 234 -12.08 -0.17 -37.71
N ARG C 235 -11.41 -0.32 -38.85
CA ARG C 235 -9.97 -0.11 -38.95
C ARG C 235 -9.63 1.38 -38.73
N LEU C 236 -8.91 1.67 -37.65
CA LEU C 236 -8.59 3.06 -37.30
C LEU C 236 -7.09 3.34 -37.34
N ARG C 237 -6.74 4.58 -37.68
CA ARG C 237 -5.37 5.08 -37.56
C ARG C 237 -5.24 6.02 -36.35
N LEU C 238 -4.44 5.63 -35.39
CA LEU C 238 -4.29 6.37 -34.14
C LEU C 238 -2.87 6.91 -34.04
N THR C 239 -2.75 8.22 -34.12
CA THR C 239 -1.43 8.89 -34.00
C THR C 239 -1.28 9.54 -32.63
N LEU C 240 -0.15 9.27 -31.97
CA LEU C 240 0.13 9.78 -30.61
C LEU C 240 1.32 10.71 -30.55
N ASP C 241 1.19 11.77 -29.74
CA ASP C 241 2.22 12.83 -29.60
C ASP C 241 2.50 13.57 -30.92
N GLY C 242 1.63 13.39 -31.90
CA GLY C 242 1.81 14.01 -33.20
C GLY C 242 2.87 13.34 -34.06
N VAL C 243 3.37 12.18 -33.62
CA VAL C 243 4.44 11.48 -34.36
C VAL C 243 4.17 10.00 -34.61
N LEU C 244 3.93 9.25 -33.53
CA LEU C 244 3.82 7.78 -33.59
C LEU C 244 2.45 7.32 -34.07
N PRO C 245 2.39 6.75 -35.29
CA PRO C 245 1.14 6.23 -35.81
C PRO C 245 0.92 4.74 -35.47
N PHE C 246 -0.33 4.39 -35.17
CA PHE C 246 -0.74 3.01 -34.91
C PHE C 246 -1.98 2.70 -35.74
N GLU C 247 -2.13 1.45 -36.15
CA GLU C 247 -3.27 1.07 -36.96
C GLU C 247 -3.82 -0.30 -36.58
N ALA C 248 -5.14 -0.39 -36.43
CA ALA C 248 -5.77 -1.59 -35.91
C ALA C 248 -7.28 -1.43 -35.87
N PRO C 249 -8.00 -2.56 -36.01
CA PRO C 249 -9.46 -2.54 -35.83
C PRO C 249 -9.85 -2.29 -34.38
N LEU C 250 -10.98 -1.61 -34.17
CA LEU C 250 -11.55 -1.44 -32.84
C LEU C 250 -12.08 -2.78 -32.30
N THR C 251 -11.57 -3.21 -31.14
CA THR C 251 -11.91 -4.51 -30.54
C THR C 251 -12.30 -4.38 -29.06
N PRO C 252 -13.10 -5.34 -28.53
CA PRO C 252 -13.52 -5.37 -27.12
C PRO C 252 -12.38 -5.55 -26.12
N THR C 253 -11.37 -6.37 -26.46
CA THR C 253 -10.32 -6.70 -25.49
C THR C 253 -8.90 -6.90 -26.09
N PHE C 254 -7.91 -7.06 -25.22
CA PHE C 254 -6.50 -7.10 -25.63
C PHE C 254 -6.22 -8.31 -26.51
N ALA C 255 -6.66 -9.48 -26.06
CA ALA C 255 -6.40 -10.77 -26.73
C ALA C 255 -6.99 -10.89 -28.13
N ASP C 256 -7.83 -9.93 -28.52
CA ASP C 256 -8.39 -9.88 -29.87
C ASP C 256 -7.33 -9.52 -30.93
N ALA C 257 -6.19 -9.00 -30.46
CA ALA C 257 -5.06 -8.65 -31.34
C ALA C 257 -4.33 -9.89 -31.91
N GLY C 258 -4.56 -11.05 -31.29
CA GLY C 258 -3.88 -12.29 -31.64
C GLY C 258 -2.60 -12.47 -30.86
N GLU C 259 -1.47 -12.49 -31.58
CA GLU C 259 -0.14 -12.68 -31.00
C GLU C 259 0.13 -11.76 -29.82
N ILE C 260 0.85 -12.28 -28.83
CA ILE C 260 1.41 -11.45 -27.77
C ILE C 260 2.28 -10.33 -28.36
N GLY C 261 1.99 -9.10 -27.93
CA GLY C 261 2.73 -7.93 -28.39
C GLY C 261 2.04 -7.15 -29.49
N ASN C 262 1.07 -7.78 -30.16
CA ASN C 262 0.29 -7.09 -31.21
C ASN C 262 -0.52 -5.91 -30.65
N ILE C 263 -0.85 -4.96 -31.53
CA ILE C 263 -1.60 -3.75 -31.14
C ILE C 263 -3.12 -3.98 -31.02
N ALA C 264 -3.68 -3.56 -29.87
CA ALA C 264 -5.12 -3.52 -29.66
C ALA C 264 -5.64 -2.08 -29.50
N ILE C 265 -6.63 -1.70 -30.32
CA ILE C 265 -7.34 -0.43 -30.14
C ILE C 265 -8.75 -0.77 -29.69
N TYR C 266 -9.09 -0.32 -28.48
CA TYR C 266 -10.29 -0.78 -27.78
C TYR C 266 -10.93 0.35 -26.98
N LEU C 267 -11.98 0.00 -26.24
CA LEU C 267 -12.63 0.90 -25.28
C LEU C 267 -12.36 0.39 -23.89
N ASN C 268 -11.83 1.28 -23.04
CA ASN C 268 -11.60 0.95 -21.65
C ASN C 268 -12.95 0.90 -20.90
N SER C 269 -12.92 0.56 -19.61
CA SER C 269 -14.17 0.38 -18.85
C SER C 269 -14.97 1.66 -18.59
N ARG C 270 -14.62 2.75 -19.31
CA ARG C 270 -15.30 4.02 -19.14
C ARG C 270 -15.85 4.55 -20.48
N GLY C 271 -15.75 3.73 -21.53
CA GLY C 271 -16.24 4.10 -22.85
C GLY C 271 -15.22 4.86 -23.71
N TYR C 272 -14.00 4.98 -23.21
CA TYR C 272 -12.97 5.80 -23.87
C TYR C 272 -12.01 5.05 -24.80
N LEU C 273 -11.82 5.59 -26.02
CA LEU C 273 -10.83 5.06 -26.95
C LEU C 273 -9.48 4.86 -26.25
N SER C 274 -8.99 3.64 -26.30
CA SER C 274 -7.72 3.27 -25.66
C SER C 274 -6.85 2.43 -26.62
N ILE C 275 -5.55 2.37 -26.33
CA ILE C 275 -4.62 1.59 -27.13
C ILE C 275 -3.56 0.91 -26.27
N ALA C 276 -3.22 -0.32 -26.63
CA ALA C 276 -2.33 -1.16 -25.85
C ALA C 276 -1.69 -2.21 -26.73
N ARG C 277 -0.67 -2.89 -26.19
CA ARG C 277 -0.20 -4.14 -26.75
C ARG C 277 -0.88 -5.27 -26.01
N ASN C 278 -1.11 -6.37 -26.70
CA ASN C 278 -1.64 -7.57 -26.08
C ASN C 278 -0.61 -8.26 -25.16
N ALA C 279 -0.89 -8.26 -23.86
CA ALA C 279 0.00 -8.86 -22.82
C ALA C 279 1.49 -8.42 -22.92
N ALA C 280 1.68 -7.12 -23.15
CA ALA C 280 2.96 -6.44 -23.13
C ALA C 280 2.65 -4.97 -22.90
N SER C 281 3.65 -4.20 -22.46
CA SER C 281 3.43 -2.76 -22.26
C SER C 281 3.73 -1.89 -23.49
N LEU C 282 2.78 -1.01 -23.83
CA LEU C 282 2.91 -0.12 -24.98
C LEU C 282 3.60 1.20 -24.61
N ALA C 283 3.21 1.75 -23.45
CA ALA C 283 3.63 3.09 -23.03
C ALA C 283 5.11 3.16 -22.63
N TYR C 284 5.61 2.12 -21.97
CA TYR C 284 6.92 2.17 -21.33
C TYR C 284 8.14 2.13 -22.30
N PRO C 285 8.15 1.18 -23.29
CA PRO C 285 9.21 1.17 -24.28
C PRO C 285 9.31 2.47 -25.09
N TYR C 286 8.17 3.10 -25.36
CA TYR C 286 8.11 4.31 -26.19
C TYR C 286 8.03 5.58 -25.37
N HIS C 287 8.00 5.44 -24.05
CA HIS C 287 7.96 6.59 -23.14
C HIS C 287 6.77 7.50 -23.46
N LEU C 288 5.61 6.87 -23.67
CA LEU C 288 4.39 7.58 -23.94
C LEU C 288 3.87 8.18 -22.64
N LYS C 289 3.19 9.32 -22.73
CA LYS C 289 2.82 10.08 -21.53
C LYS C 289 1.45 10.74 -21.58
N GLU C 290 0.90 10.95 -20.39
CA GLU C 290 -0.32 11.70 -20.20
C GLU C 290 -0.10 13.13 -20.67
N GLY C 291 -1.10 13.69 -21.36
CA GLY C 291 -1.02 15.05 -21.89
C GLY C 291 -0.59 15.13 -23.35
N MET C 292 -0.16 13.99 -23.89
CA MET C 292 0.23 13.90 -25.30
C MET C 292 -1.02 13.89 -26.17
N SER C 293 -0.93 14.50 -27.35
CA SER C 293 -2.05 14.56 -28.28
C SER C 293 -2.41 13.17 -28.77
N ALA C 294 -3.69 12.99 -29.09
CA ALA C 294 -4.18 11.76 -29.66
C ALA C 294 -5.13 12.13 -30.77
N ARG C 295 -4.79 11.70 -31.98
CA ARG C 295 -5.56 12.02 -33.18
C ARG C 295 -5.99 10.70 -33.83
N VAL C 296 -7.30 10.57 -34.08
CA VAL C 296 -7.84 9.32 -34.64
C VAL C 296 -8.61 9.57 -35.95
N GLU C 297 -8.42 8.67 -36.92
CA GLU C 297 -9.20 8.70 -38.17
C GLU C 297 -9.56 7.26 -38.57
N ALA C 298 -10.70 7.12 -39.25
CA ALA C 298 -11.20 5.80 -39.63
C ALA C 298 -10.47 5.25 -40.87
#